data_3ZRL
#
_entry.id   3ZRL
#
_cell.length_a   153.231
_cell.length_b   153.231
_cell.length_c   201.729
_cell.angle_alpha   90.00
_cell.angle_beta   90.00
_cell.angle_gamma   120.00
#
_symmetry.space_group_name_H-M   'H 3 2'
#
loop_
_entity.id
_entity.type
_entity.pdbx_description
1 polymer 'GLYCOGEN SYNTHASE KINASE-3 BETA'
2 polymer 'PROTO-ONCOGENE FRAT1'
3 non-polymer 'SULFATE ION'
4 non-polymer GLYCEROL
5 non-polymer 7-BROMO-2-PYRIDIN-4-YL-5H-THIENO[3,2-C]PYRIDIN-4-ONE
6 water water
#
loop_
_entity_poly.entity_id
_entity_poly.type
_entity_poly.pdbx_seq_one_letter_code
_entity_poly.pdbx_strand_id
1 'polypeptide(L)'
;FGSMKVSRDKDGSKVTTVVATPGQGPDRPQEVSYTDTKVIGNGSFGVVYQAKLCDSGELVAIKKVLQDKRFKNRELQIMR
KLDHCNIVRLRYFFYSSGEKKDEVYLNLVLDYVPETVYRVARHYSRAKQTLPVIYVKLYMYQLFRSLAYIHSFGICHRDI
KPQNLLLDPDTAVLKLCDFGSAKQLVRGEPNVS(PTR)ICSRYYRAPELIFGATDYTSSIDVWSAGCVLAELLLGQPIFP
GDSGVDQLVEIIKVLGTPTREQIREMNPNYTEFKFPQIKAHPWTKVFRPRTPPEAIALCSRLLEYTPTARLTPLEACAHS
FFDELRDPNVKLPNGRDTPALFNFTTQELSSNPPLATILIPPHARIQAAASTPTN
;
A,B
2 'polypeptide(L)' MADDPHRLLQQLVLSGNLIKEAVRRLHSRRLQ X,Y
#
loop_
_chem_comp.id
_chem_comp.type
_chem_comp.name
_chem_comp.formula
GOL non-polymer GLYCEROL 'C3 H8 O3'
SO4 non-polymer 'SULFATE ION' 'O4 S -2'
ZRL non-polymer 7-BROMO-2-PYRIDIN-4-YL-5H-THIENO[3,2-C]PYRIDIN-4-ONE 'C12 H7 Br N2 O S'
#
# COMPACT_ATOMS: atom_id res chain seq x y z
N LYS A 14 17.62 -47.22 -19.35
CA LYS A 14 16.91 -48.27 -18.58
C LYS A 14 15.50 -47.82 -18.15
N VAL A 15 14.57 -48.77 -18.08
CA VAL A 15 13.25 -48.55 -17.48
C VAL A 15 13.27 -49.13 -16.06
N THR A 16 13.10 -48.26 -15.06
CA THR A 16 13.02 -48.70 -13.67
C THR A 16 11.57 -48.85 -13.25
N THR A 17 11.29 -49.93 -12.54
CA THR A 17 9.95 -50.17 -12.02
C THR A 17 10.06 -50.38 -10.52
N VAL A 18 9.27 -49.60 -9.78
CA VAL A 18 9.29 -49.65 -8.33
C VAL A 18 7.86 -49.75 -7.83
N VAL A 19 7.72 -50.10 -6.55
CA VAL A 19 6.43 -50.08 -5.88
C VAL A 19 6.42 -48.82 -5.00
N ALA A 20 5.44 -47.95 -5.25
CA ALA A 20 5.41 -46.63 -4.65
C ALA A 20 4.02 -46.23 -4.19
N THR A 21 3.95 -45.37 -3.20
CA THR A 21 2.70 -44.93 -2.62
C THR A 21 2.36 -43.53 -3.12
N PRO A 22 1.10 -43.33 -3.55
CA PRO A 22 0.62 -41.98 -3.93
C PRO A 22 0.84 -40.98 -2.81
N GLY A 23 1.27 -39.78 -3.17
CA GLY A 23 1.60 -38.75 -2.20
C GLY A 23 0.47 -38.32 -1.28
N GLN A 24 -0.78 -38.49 -1.74
CA GLN A 24 -1.95 -37.87 -1.08
C GLN A 24 -2.81 -38.55 0.04
N GLY A 25 -2.88 -39.88 0.20
CA GLY A 25 -2.75 -40.90 -0.83
C GLY A 25 -4.10 -41.05 -1.51
N PRO A 26 -4.61 -42.30 -1.67
CA PRO A 26 -4.75 -43.63 -1.07
C PRO A 26 -4.61 -43.89 0.46
N ASP A 27 -3.60 -44.59 0.99
CA ASP A 27 -2.30 -44.85 0.39
C ASP A 27 -2.01 -46.35 0.18
N ARG A 28 -2.47 -46.87 -0.96
CA ARG A 28 -2.17 -48.25 -1.31
C ARG A 28 -1.10 -48.27 -2.41
N PRO A 29 0.01 -48.98 -2.15
CA PRO A 29 1.14 -49.04 -3.07
C PRO A 29 0.74 -49.56 -4.45
N GLN A 30 1.41 -49.05 -5.48
CA GLN A 30 1.19 -49.46 -6.85
C GLN A 30 2.52 -49.47 -7.59
N GLU A 31 2.54 -50.12 -8.75
CA GLU A 31 3.74 -50.13 -9.59
C GLU A 31 3.83 -48.83 -10.36
N VAL A 32 5.02 -48.22 -10.35
CA VAL A 32 5.29 -47.04 -11.14
C VAL A 32 6.56 -47.29 -11.94
N SER A 33 6.52 -46.94 -13.23
CA SER A 33 7.65 -47.10 -14.14
C SER A 33 8.11 -45.76 -14.67
N TYR A 34 9.41 -45.57 -14.71
CA TYR A 34 9.99 -44.33 -15.19
C TYR A 34 11.30 -44.60 -15.91
N THR A 35 11.70 -43.65 -16.77
CA THR A 35 12.91 -43.79 -17.59
C THR A 35 13.59 -42.42 -17.85
N ASP A 36 14.63 -42.40 -18.68
CA ASP A 36 15.43 -41.19 -18.98
C ASP A 36 15.99 -40.55 -17.71
N THR A 37 16.45 -41.38 -16.78
CA THR A 37 16.98 -40.93 -15.50
C THR A 37 18.30 -40.16 -15.70
N LYS A 38 18.35 -38.94 -15.15
N LYS A 38 18.36 -38.95 -15.14
CA LYS A 38 19.52 -38.05 -15.25
CA LYS A 38 19.55 -38.09 -15.23
C LYS A 38 19.73 -37.37 -13.89
C LYS A 38 19.73 -37.35 -13.92
N VAL A 39 20.98 -37.24 -13.45
CA VAL A 39 21.29 -36.49 -12.23
C VAL A 39 21.29 -34.98 -12.51
N ILE A 40 20.53 -34.24 -11.70
CA ILE A 40 20.42 -32.78 -11.83
C ILE A 40 20.86 -32.04 -10.57
N GLY A 41 20.95 -32.76 -9.46
CA GLY A 41 21.39 -32.20 -8.20
C GLY A 41 22.09 -33.20 -7.32
N ASN A 42 23.07 -32.75 -6.56
CA ASN A 42 23.84 -33.56 -5.63
C ASN A 42 24.41 -32.64 -4.56
N GLY A 43 24.20 -33.02 -3.30
CA GLY A 43 24.67 -32.24 -2.15
C GLY A 43 24.72 -33.15 -0.95
N SER A 44 24.95 -32.58 0.22
CA SER A 44 24.97 -33.38 1.45
C SER A 44 23.56 -33.87 1.84
N PHE A 45 22.53 -33.30 1.20
CA PHE A 45 21.14 -33.71 1.42
C PHE A 45 20.83 -35.05 0.74
N GLY A 46 21.57 -35.37 -0.31
CA GLY A 46 21.30 -36.53 -1.14
C GLY A 46 21.40 -36.16 -2.60
N VAL A 47 20.64 -36.84 -3.45
CA VAL A 47 20.70 -36.64 -4.88
C VAL A 47 19.31 -36.36 -5.41
N VAL A 48 19.22 -35.52 -6.44
CA VAL A 48 17.95 -35.34 -7.17
C VAL A 48 18.10 -35.80 -8.62
N TYR A 49 17.16 -36.62 -9.07
CA TYR A 49 17.16 -37.12 -10.44
C TYR A 49 16.04 -36.47 -11.19
N GLN A 50 16.19 -36.37 -12.50
CA GLN A 50 15.06 -36.11 -13.37
C GLN A 50 14.73 -37.42 -14.07
N ALA A 51 13.44 -37.65 -14.32
CA ALA A 51 13.00 -38.87 -14.96
C ALA A 51 11.72 -38.62 -15.73
N LYS A 52 11.35 -39.61 -16.53
CA LYS A 52 10.16 -39.58 -17.37
C LYS A 52 9.29 -40.78 -16.97
N LEU A 53 8.04 -40.50 -16.59
CA LEU A 53 7.08 -41.55 -16.24
C LEU A 53 6.56 -42.21 -17.52
N CYS A 54 6.48 -43.54 -17.52
CA CYS A 54 6.17 -44.28 -18.74
C CYS A 54 4.72 -44.14 -19.21
N ASP A 55 3.78 -44.14 -18.27
CA ASP A 55 2.36 -44.03 -18.63
C ASP A 55 1.99 -42.63 -19.16
N SER A 56 2.69 -41.60 -18.65
CA SER A 56 2.31 -40.20 -18.90
C SER A 56 3.25 -39.46 -19.84
N GLY A 57 4.52 -39.85 -19.85
CA GLY A 57 5.55 -39.05 -20.52
C GLY A 57 5.90 -37.81 -19.69
N GLU A 58 5.13 -37.56 -18.65
CA GLU A 58 5.35 -36.43 -17.73
C GLU A 58 6.69 -36.52 -17.01
N LEU A 59 7.39 -35.39 -16.95
CA LEU A 59 8.69 -35.34 -16.31
C LEU A 59 8.56 -35.19 -14.81
N VAL A 60 9.47 -35.82 -14.08
CA VAL A 60 9.47 -35.80 -12.63
C VAL A 60 10.88 -35.61 -12.13
N ALA A 61 10.99 -35.08 -10.91
CA ALA A 61 12.25 -35.04 -10.19
C ALA A 61 12.07 -36.03 -9.06
N ILE A 62 13.12 -36.79 -8.80
CA ILE A 62 13.11 -37.76 -7.74
C ILE A 62 14.21 -37.39 -6.78
N LYS A 63 13.84 -37.10 -5.56
CA LYS A 63 14.79 -36.70 -4.53
C LYS A 63 15.13 -37.90 -3.64
N LYS A 64 16.35 -38.40 -3.77
CA LYS A 64 16.80 -39.55 -3.01
C LYS A 64 17.55 -39.07 -1.79
N VAL A 65 17.07 -39.50 -0.62
CA VAL A 65 17.67 -39.14 0.66
C VAL A 65 17.96 -40.39 1.49
N LEU A 66 19.05 -40.36 2.23
CA LEU A 66 19.39 -41.43 3.18
C LEU A 66 18.48 -41.34 4.42
N GLN A 67 17.90 -42.47 4.82
CA GLN A 67 16.88 -42.48 5.87
C GLN A 67 17.27 -43.34 7.08
N ASP A 68 17.05 -42.80 8.28
CA ASP A 68 17.11 -43.60 9.51
C ASP A 68 15.81 -44.44 9.60
N LYS A 69 15.91 -45.72 9.21
CA LYS A 69 14.76 -46.64 9.14
C LYS A 69 14.10 -46.94 10.49
N ARG A 70 14.65 -46.40 11.58
CA ARG A 70 14.03 -46.47 12.90
C ARG A 70 13.47 -45.11 13.34
N PHE A 71 13.36 -44.18 12.38
CA PHE A 71 12.74 -42.86 12.60
C PHE A 71 11.91 -42.44 11.37
N LYS A 72 11.14 -41.36 11.51
CA LYS A 72 10.30 -40.84 10.43
C LYS A 72 10.87 -39.56 9.80
N ASN A 73 10.65 -39.41 8.49
CA ASN A 73 11.12 -38.25 7.73
C ASN A 73 10.15 -37.07 7.84
N ARG A 74 10.65 -35.97 8.41
CA ARG A 74 9.90 -34.71 8.52
C ARG A 74 9.39 -34.21 7.18
N GLU A 75 10.28 -34.23 6.19
CA GLU A 75 9.95 -33.73 4.87
C GLU A 75 8.84 -34.56 4.22
N LEU A 76 8.90 -35.89 4.37
CA LEU A 76 7.81 -36.76 3.88
C LEU A 76 6.48 -36.42 4.54
N GLN A 77 6.47 -36.41 5.87
CA GLN A 77 5.25 -36.14 6.64
C GLN A 77 4.65 -34.80 6.27
N ILE A 78 5.52 -33.79 6.21
CA ILE A 78 5.11 -32.48 5.74
C ILE A 78 4.58 -32.54 4.30
N MET A 79 5.34 -33.16 3.39
CA MET A 79 4.97 -33.18 1.97
C MET A 79 3.62 -33.87 1.72
N ARG A 80 3.32 -34.89 2.52
CA ARG A 80 2.05 -35.64 2.37
C ARG A 80 0.81 -34.79 2.65
N LYS A 81 0.95 -33.77 3.51
CA LYS A 81 -0.18 -32.94 3.92
C LYS A 81 -0.58 -31.92 2.87
N LEU A 82 0.35 -31.60 1.97
CA LEU A 82 0.20 -30.43 1.12
C LEU A 82 -0.40 -30.70 -0.25
N ASP A 83 -1.32 -29.83 -0.64
CA ASP A 83 -1.88 -29.84 -1.98
C ASP A 83 -2.30 -28.45 -2.39
N HIS A 84 -1.47 -27.82 -3.22
CA HIS A 84 -1.61 -26.41 -3.55
C HIS A 84 -0.88 -26.12 -4.86
N CYS A 85 -1.49 -25.27 -5.68
CA CYS A 85 -0.98 -24.95 -7.01
C CYS A 85 0.36 -24.16 -7.01
N ASN A 86 0.74 -23.57 -5.87
CA ASN A 86 2.07 -22.93 -5.76
C ASN A 86 3.07 -23.70 -4.88
N ILE A 87 2.78 -24.98 -4.65
CA ILE A 87 3.73 -25.87 -3.99
C ILE A 87 4.03 -27.07 -4.90
N VAL A 88 5.31 -27.42 -4.99
CA VAL A 88 5.73 -28.62 -5.72
C VAL A 88 4.94 -29.83 -5.20
N ARG A 89 4.32 -30.57 -6.10
CA ARG A 89 3.49 -31.71 -5.73
C ARG A 89 4.33 -32.97 -5.57
N LEU A 90 4.11 -33.68 -4.44
CA LEU A 90 4.59 -35.03 -4.25
C LEU A 90 3.62 -35.99 -4.93
N ARG A 91 4.04 -36.55 -6.07
CA ARG A 91 3.26 -37.55 -6.81
C ARG A 91 3.29 -38.92 -6.13
N TYR A 92 4.50 -39.39 -5.83
CA TYR A 92 4.73 -40.69 -5.19
C TYR A 92 5.92 -40.61 -4.22
N PHE A 93 6.04 -41.63 -3.39
CA PHE A 93 7.26 -41.83 -2.61
C PHE A 93 7.53 -43.32 -2.48
N PHE A 94 8.80 -43.69 -2.44
CA PHE A 94 9.14 -45.10 -2.32
C PHE A 94 10.51 -45.29 -1.66
N TYR A 95 10.72 -46.48 -1.10
CA TYR A 95 11.96 -46.79 -0.42
C TYR A 95 12.87 -47.69 -1.25
N SER A 96 14.16 -47.46 -1.10
CA SER A 96 15.25 -48.14 -1.81
C SER A 96 16.31 -48.36 -0.72
N SER A 97 17.57 -48.69 -1.02
CA SER A 97 18.18 -48.84 -2.35
C SER A 97 19.23 -49.95 -2.28
N LYS A 100 25.47 -51.14 -0.35
CA LYS A 100 25.66 -50.76 1.04
C LYS A 100 24.84 -51.65 1.99
N LYS A 101 23.94 -52.46 1.40
CA LYS A 101 23.13 -53.45 2.11
C LYS A 101 21.99 -52.85 2.97
N ASP A 102 22.20 -52.75 4.28
CA ASP A 102 21.15 -52.31 5.23
C ASP A 102 20.78 -50.83 5.13
N GLU A 103 21.36 -50.14 4.14
CA GLU A 103 21.06 -48.72 3.89
C GLU A 103 19.72 -48.54 3.20
N VAL A 104 18.85 -47.76 3.82
CA VAL A 104 17.55 -47.40 3.25
C VAL A 104 17.55 -45.96 2.71
N TYR A 105 17.07 -45.79 1.49
CA TYR A 105 16.86 -44.48 0.90
C TYR A 105 15.38 -44.19 0.70
N LEU A 106 14.96 -42.99 1.09
CA LEU A 106 13.64 -42.48 0.75
C LEU A 106 13.68 -41.68 -0.57
N ASN A 107 12.74 -41.96 -1.46
CA ASN A 107 12.66 -41.31 -2.75
C ASN A 107 11.34 -40.55 -2.89
N LEU A 108 11.46 -39.23 -3.04
CA LEU A 108 10.33 -38.36 -3.17
C LEU A 108 10.18 -38.10 -4.66
N VAL A 109 9.04 -38.49 -5.22
CA VAL A 109 8.81 -38.27 -6.63
C VAL A 109 8.00 -36.99 -6.77
N LEU A 110 8.64 -35.96 -7.32
CA LEU A 110 8.02 -34.64 -7.47
C LEU A 110 7.80 -34.28 -8.93
N ASP A 111 6.81 -33.43 -9.20
CA ASP A 111 6.64 -32.81 -10.50
C ASP A 111 7.89 -32.02 -10.88
N TYR A 112 8.36 -32.18 -12.12
CA TYR A 112 9.52 -31.44 -12.59
C TYR A 112 9.15 -30.02 -13.02
N VAL A 113 9.90 -29.04 -12.56
CA VAL A 113 9.72 -27.64 -12.98
C VAL A 113 11.10 -27.14 -13.39
N PRO A 114 11.23 -26.64 -14.65
CA PRO A 114 12.56 -26.49 -15.28
C PRO A 114 13.35 -25.26 -14.88
N GLU A 115 12.67 -24.19 -14.47
CA GLU A 115 13.41 -22.99 -14.13
C GLU A 115 13.22 -22.55 -12.67
N THR A 116 14.10 -21.68 -12.20
CA THR A 116 14.01 -21.12 -10.85
C THR A 116 14.03 -19.61 -10.93
N VAL A 117 13.48 -18.96 -9.89
CA VAL A 117 13.51 -17.50 -9.74
C VAL A 117 14.97 -17.03 -9.67
N TYR A 118 15.84 -17.86 -9.09
CA TYR A 118 17.27 -17.58 -9.12
C TYR A 118 17.82 -17.42 -10.55
N ARG A 119 17.63 -18.42 -11.39
N ARG A 119 17.64 -18.44 -11.38
CA ARG A 119 18.20 -18.41 -12.74
CA ARG A 119 18.14 -18.45 -12.77
C ARG A 119 17.59 -17.34 -13.67
C ARG A 119 17.61 -17.28 -13.57
N VAL A 120 16.29 -17.06 -13.51
CA VAL A 120 15.63 -16.00 -14.24
C VAL A 120 16.17 -14.61 -13.82
N ALA A 121 16.24 -14.37 -12.51
CA ALA A 121 16.75 -13.10 -12.00
C ALA A 121 18.22 -12.89 -12.35
N ARG A 122 18.99 -13.98 -12.40
CA ARG A 122 20.40 -13.92 -12.73
C ARG A 122 20.63 -13.55 -14.20
N HIS A 123 19.76 -14.04 -15.08
CA HIS A 123 19.79 -13.69 -16.49
C HIS A 123 19.64 -12.16 -16.70
N TYR A 124 18.66 -11.56 -16.03
CA TYR A 124 18.48 -10.12 -16.07
C TYR A 124 19.64 -9.38 -15.41
N SER A 125 20.17 -9.95 -14.34
CA SER A 125 21.23 -9.33 -13.58
C SER A 125 22.54 -9.22 -14.38
N ARG A 126 22.88 -10.30 -15.07
CA ARG A 126 24.09 -10.38 -15.88
C ARG A 126 23.97 -9.51 -17.14
N ALA A 127 22.73 -9.23 -17.54
CA ALA A 127 22.41 -8.33 -18.66
C ALA A 127 22.29 -6.88 -18.20
N LYS A 128 22.68 -6.64 -16.95
CA LYS A 128 22.70 -5.31 -16.32
C LYS A 128 21.33 -4.61 -16.27
N GLN A 129 20.25 -5.38 -16.17
CA GLN A 129 18.91 -4.80 -16.12
C GLN A 129 17.98 -5.46 -15.11
N THR A 130 16.86 -4.81 -14.82
CA THR A 130 15.94 -5.26 -13.79
C THR A 130 14.82 -6.15 -14.33
N LEU A 131 14.39 -7.12 -13.52
CA LEU A 131 13.25 -7.96 -13.86
C LEU A 131 12.01 -7.08 -13.93
N PRO A 132 11.24 -7.20 -15.03
CA PRO A 132 10.02 -6.41 -15.21
C PRO A 132 9.11 -6.47 -14.00
N VAL A 133 8.61 -5.31 -13.58
CA VAL A 133 7.81 -5.17 -12.37
C VAL A 133 6.66 -6.19 -12.27
N ILE A 134 5.99 -6.45 -13.39
CA ILE A 134 4.84 -7.35 -13.44
C ILE A 134 5.20 -8.76 -12.93
N TYR A 135 6.38 -9.24 -13.30
CA TYR A 135 6.91 -10.51 -12.82
C TYR A 135 7.20 -10.46 -11.33
N VAL A 136 7.70 -9.33 -10.85
CA VAL A 136 8.00 -9.13 -9.45
C VAL A 136 6.70 -9.27 -8.66
N LYS A 137 5.62 -8.73 -9.22
CA LYS A 137 4.32 -8.85 -8.59
C LYS A 137 3.83 -10.30 -8.61
N LEU A 138 3.92 -10.94 -9.78
CA LEU A 138 3.50 -12.32 -9.98
C LEU A 138 4.20 -13.33 -9.07
N TYR A 139 5.54 -13.34 -9.10
CA TYR A 139 6.34 -14.30 -8.34
C TYR A 139 6.16 -14.12 -6.82
N MET A 140 6.20 -12.86 -6.35
CA MET A 140 6.06 -12.57 -4.92
C MET A 140 4.69 -12.95 -4.39
N TYR A 141 3.67 -12.75 -5.23
CA TYR A 141 2.29 -12.99 -4.85
C TYR A 141 2.08 -14.49 -4.68
N GLN A 142 2.60 -15.25 -5.63
CA GLN A 142 2.49 -16.70 -5.57
C GLN A 142 3.30 -17.26 -4.41
N LEU A 143 4.44 -16.62 -4.13
CA LEU A 143 5.22 -16.97 -2.97
C LEU A 143 4.42 -16.74 -1.69
N PHE A 144 3.80 -15.57 -1.55
CA PHE A 144 3.01 -15.29 -0.36
C PHE A 144 1.84 -16.26 -0.18
N ARG A 145 1.21 -16.63 -1.28
CA ARG A 145 0.16 -17.65 -1.23
C ARG A 145 0.63 -18.98 -0.69
N SER A 146 1.82 -19.43 -1.11
CA SER A 146 2.32 -20.73 -0.71
C SER A 146 2.62 -20.70 0.81
N LEU A 147 3.06 -19.54 1.26
CA LEU A 147 3.41 -19.31 2.65
C LEU A 147 2.16 -19.26 3.53
N ALA A 148 1.12 -18.57 3.04
CA ALA A 148 -0.18 -18.54 3.73
C ALA A 148 -0.67 -19.96 3.95
N TYR A 149 -0.49 -20.80 2.93
CA TYR A 149 -0.97 -22.18 2.96
C TYR A 149 -0.21 -23.04 3.97
N ILE A 150 1.12 -23.09 3.87
CA ILE A 150 1.91 -23.92 4.77
C ILE A 150 1.86 -23.40 6.21
N HIS A 151 1.81 -22.09 6.39
CA HIS A 151 1.76 -21.52 7.72
C HIS A 151 0.47 -21.89 8.44
N SER A 152 -0.59 -22.10 7.67
CA SER A 152 -1.92 -22.40 8.23
C SER A 152 -1.97 -23.76 8.91
N PHE A 153 -1.05 -24.66 8.55
CA PHE A 153 -0.86 -25.94 9.22
C PHE A 153 0.18 -25.80 10.34
N GLY A 154 0.75 -24.61 10.49
CA GLY A 154 1.82 -24.41 11.45
C GLY A 154 3.20 -24.82 10.93
N ILE A 155 3.27 -25.18 9.64
CA ILE A 155 4.55 -25.53 9.02
C ILE A 155 5.30 -24.28 8.60
N CYS A 156 6.58 -24.24 8.99
CA CYS A 156 7.48 -23.15 8.62
C CYS A 156 8.52 -23.77 7.68
N HIS A 157 8.80 -23.10 6.56
CA HIS A 157 9.68 -23.64 5.52
C HIS A 157 11.13 -23.59 5.92
N ARG A 158 11.56 -22.44 6.46
CA ARG A 158 12.88 -22.32 7.07
C ARG A 158 14.02 -22.24 6.07
N ASP A 159 13.70 -22.24 4.77
CA ASP A 159 14.75 -22.05 3.76
C ASP A 159 14.25 -21.31 2.51
N ILE A 160 13.56 -20.19 2.73
CA ILE A 160 13.02 -19.42 1.60
C ILE A 160 14.16 -18.66 0.94
N LYS A 161 14.38 -18.92 -0.34
CA LYS A 161 15.40 -18.23 -1.13
C LYS A 161 15.08 -18.43 -2.63
N PRO A 162 15.70 -17.63 -3.52
CA PRO A 162 15.28 -17.68 -4.91
C PRO A 162 15.54 -19.04 -5.55
N GLN A 163 16.56 -19.74 -5.08
CA GLN A 163 16.87 -21.07 -5.62
C GLN A 163 15.76 -22.10 -5.33
N ASN A 164 14.94 -21.82 -4.32
CA ASN A 164 13.86 -22.74 -3.92
C ASN A 164 12.50 -22.36 -4.49
N LEU A 165 12.50 -21.44 -5.45
CA LEU A 165 11.26 -20.98 -6.07
C LEU A 165 11.26 -21.39 -7.53
N LEU A 166 10.54 -22.47 -7.83
CA LEU A 166 10.54 -23.02 -9.15
C LEU A 166 9.59 -22.24 -10.05
N LEU A 167 9.96 -22.13 -11.33
CA LEU A 167 9.20 -21.39 -12.33
C LEU A 167 8.95 -22.20 -13.58
N ASP A 168 7.70 -22.21 -14.03
CA ASP A 168 7.38 -22.66 -15.36
C ASP A 168 7.53 -21.45 -16.31
N PRO A 169 8.60 -21.43 -17.14
CA PRO A 169 8.94 -20.23 -17.93
C PRO A 169 7.80 -19.71 -18.81
N ASP A 170 6.93 -20.60 -19.28
CA ASP A 170 5.83 -20.18 -20.16
C ASP A 170 4.67 -19.57 -19.38
N THR A 171 4.09 -20.34 -18.46
CA THR A 171 2.89 -19.91 -17.73
C THR A 171 3.13 -18.96 -16.55
N ALA A 172 4.39 -18.79 -16.17
CA ALA A 172 4.76 -18.00 -14.98
C ALA A 172 4.15 -18.50 -13.65
N VAL A 173 3.83 -19.80 -13.57
CA VAL A 173 3.47 -20.47 -12.31
C VAL A 173 4.73 -20.58 -11.43
N LEU A 174 4.61 -20.21 -10.16
CA LEU A 174 5.68 -20.42 -9.18
C LEU A 174 5.33 -21.56 -8.24
N LYS A 175 6.28 -22.45 -8.02
CA LYS A 175 6.10 -23.52 -7.02
C LYS A 175 7.22 -23.52 -5.97
N LEU A 176 6.85 -23.34 -4.72
CA LEU A 176 7.78 -23.50 -3.60
C LEU A 176 8.27 -24.95 -3.52
N CYS A 177 9.58 -25.14 -3.38
CA CYS A 177 10.09 -26.50 -3.24
C CYS A 177 11.11 -26.64 -2.11
N ASP A 178 11.59 -27.87 -1.93
CA ASP A 178 12.68 -28.19 -1.00
C ASP A 178 12.27 -27.95 0.43
N PHE A 179 11.44 -28.87 0.94
CA PHE A 179 10.99 -28.82 2.33
C PHE A 179 11.93 -29.57 3.30
N GLY A 180 13.18 -29.76 2.91
CA GLY A 180 14.14 -30.47 3.74
C GLY A 180 14.57 -29.77 5.03
N SER A 181 14.17 -28.51 5.20
CA SER A 181 14.45 -27.74 6.41
C SER A 181 13.14 -27.42 7.13
N ALA A 182 12.03 -27.76 6.49
CA ALA A 182 10.73 -27.40 7.01
C ALA A 182 10.45 -28.12 8.32
N LYS A 183 9.64 -27.49 9.17
CA LYS A 183 9.24 -28.07 10.46
C LYS A 183 7.87 -27.55 10.87
N GLN A 184 7.09 -28.41 11.51
CA GLN A 184 5.82 -27.99 12.10
C GLN A 184 6.17 -27.38 13.46
N LEU A 185 6.01 -26.06 13.61
CA LEU A 185 6.48 -25.37 14.80
C LEU A 185 5.46 -25.43 15.92
N VAL A 186 5.93 -25.85 17.11
CA VAL A 186 5.05 -25.94 18.28
C VAL A 186 5.56 -25.00 19.37
N ARG A 187 4.71 -24.04 19.76
CA ARG A 187 5.06 -23.11 20.82
C ARG A 187 5.52 -23.80 22.13
N GLY A 188 6.55 -23.24 22.74
CA GLY A 188 7.19 -23.85 23.90
C GLY A 188 8.32 -24.81 23.54
N GLU A 189 8.20 -25.51 22.41
CA GLU A 189 9.22 -26.48 21.99
C GLU A 189 10.29 -25.82 21.10
N PRO A 190 11.54 -25.76 21.59
CA PRO A 190 12.64 -25.02 20.94
C PRO A 190 13.01 -25.58 19.56
N ASN A 191 13.55 -24.71 18.72
CA ASN A 191 13.96 -25.05 17.36
C ASN A 191 15.35 -24.52 17.14
N VAL A 192 16.13 -25.19 16.29
CA VAL A 192 17.54 -24.82 16.07
C VAL A 192 17.64 -23.38 15.51
N SER A 193 18.65 -22.63 15.93
CA SER A 193 18.77 -21.24 15.46
C SER A 193 19.58 -21.11 14.18
N PTR A 194 20.58 -21.97 13.99
CA PTR A 194 21.38 -21.97 12.76
C PTR A 194 20.56 -22.63 11.65
O PTR A 194 20.63 -23.83 11.42
CB PTR A 194 22.78 -22.62 12.88
CG PTR A 194 23.70 -22.32 11.69
CD1 PTR A 194 24.22 -21.03 11.52
CD2 PTR A 194 24.05 -23.31 10.77
CE1 PTR A 194 25.06 -20.73 10.45
CE2 PTR A 194 24.88 -23.02 9.68
CZ PTR A 194 25.38 -21.72 9.52
OH PTR A 194 26.14 -21.48 8.55
P PTR A 194 26.07 -20.18 7.59
O1P PTR A 194 24.86 -20.34 6.76
O2P PTR A 194 27.30 -20.11 6.65
O3P PTR A 194 26.03 -18.86 8.38
N ILE A 195 19.75 -21.82 10.98
CA ILE A 195 18.84 -22.33 9.99
C ILE A 195 18.62 -21.21 8.96
N CYS A 196 18.18 -21.60 7.76
N CYS A 196 18.12 -21.58 7.77
CA CYS A 196 17.99 -20.69 6.62
CA CYS A 196 18.03 -20.67 6.62
C CYS A 196 19.32 -20.28 5.98
C CYS A 196 19.38 -20.47 5.94
N SER A 197 19.35 -20.12 4.66
CA SER A 197 20.55 -19.62 3.96
C SER A 197 20.86 -18.22 4.48
N ARG A 198 22.15 -17.93 4.62
CA ARG A 198 22.63 -16.77 5.32
C ARG A 198 22.03 -15.46 4.87
N TYR A 199 21.97 -15.22 3.56
CA TYR A 199 21.48 -13.93 3.04
C TYR A 199 20.01 -13.66 3.41
N TYR A 200 19.25 -14.74 3.59
CA TYR A 200 17.79 -14.69 3.82
C TYR A 200 17.40 -14.96 5.28
N ARG A 201 18.41 -15.02 6.14
CA ARG A 201 18.25 -15.40 7.55
C ARG A 201 17.75 -14.24 8.38
N ALA A 202 16.60 -14.42 9.02
CA ALA A 202 16.00 -13.38 9.86
C ALA A 202 16.93 -13.04 11.02
N PRO A 203 16.91 -11.76 11.48
CA PRO A 203 17.80 -11.33 12.57
C PRO A 203 17.59 -12.07 13.89
N GLU A 204 16.35 -12.41 14.24
CA GLU A 204 16.13 -13.19 15.48
C GLU A 204 16.95 -14.49 15.50
N LEU A 205 17.12 -15.12 14.34
CA LEU A 205 17.94 -16.33 14.22
C LEU A 205 19.41 -16.04 14.51
N ILE A 206 19.92 -14.94 13.94
CA ILE A 206 21.30 -14.53 14.18
C ILE A 206 21.52 -14.23 15.67
N PHE A 207 20.49 -13.72 16.33
CA PHE A 207 20.54 -13.43 17.77
C PHE A 207 20.35 -14.66 18.65
N GLY A 208 20.15 -15.81 18.03
CA GLY A 208 20.07 -17.08 18.74
C GLY A 208 18.70 -17.50 19.21
N ALA A 209 17.65 -16.90 18.66
CA ALA A 209 16.27 -17.30 19.02
C ALA A 209 16.00 -18.78 18.77
N THR A 210 15.34 -19.43 19.72
CA THR A 210 14.91 -20.83 19.57
C THR A 210 13.39 -20.92 19.63
N ASP A 211 12.74 -19.79 19.88
CA ASP A 211 11.29 -19.72 20.07
C ASP A 211 10.63 -18.90 18.96
N TYR A 212 11.26 -18.89 17.79
CA TYR A 212 10.76 -18.11 16.68
C TYR A 212 9.50 -18.72 16.06
N THR A 213 8.96 -18.01 15.07
CA THR A 213 7.71 -18.36 14.42
C THR A 213 7.86 -18.40 12.90
N SER A 214 6.79 -18.79 12.23
CA SER A 214 6.70 -18.73 10.79
C SER A 214 7.11 -17.37 10.15
N SER A 215 7.13 -16.31 10.95
CA SER A 215 7.44 -14.99 10.42
C SER A 215 8.90 -14.84 9.94
N ILE A 216 9.75 -15.81 10.28
CA ILE A 216 11.09 -15.88 9.66
C ILE A 216 11.02 -16.11 8.13
N ASP A 217 9.96 -16.78 7.66
CA ASP A 217 9.71 -16.98 6.22
C ASP A 217 9.34 -15.66 5.53
N VAL A 218 8.64 -14.78 6.27
CA VAL A 218 8.23 -13.48 5.74
C VAL A 218 9.45 -12.58 5.64
N TRP A 219 10.37 -12.69 6.61
CA TRP A 219 11.61 -11.95 6.52
C TRP A 219 12.33 -12.37 5.26
N SER A 220 12.44 -13.69 5.04
CA SER A 220 13.20 -14.25 3.90
C SER A 220 12.55 -13.85 2.58
N ALA A 221 11.22 -13.76 2.59
CA ALA A 221 10.44 -13.34 1.42
C ALA A 221 10.67 -11.87 1.13
N GLY A 222 10.85 -11.06 2.18
CA GLY A 222 11.24 -9.66 2.02
C GLY A 222 12.59 -9.52 1.34
N CYS A 223 13.54 -10.37 1.73
CA CYS A 223 14.86 -10.38 1.12
C CYS A 223 14.81 -10.76 -0.35
N VAL A 224 13.95 -11.73 -0.70
CA VAL A 224 13.73 -12.13 -2.10
C VAL A 224 13.18 -10.93 -2.87
N LEU A 225 12.16 -10.27 -2.32
CA LEU A 225 11.58 -9.08 -2.95
C LEU A 225 12.66 -8.02 -3.23
N ALA A 226 13.39 -7.63 -2.18
CA ALA A 226 14.44 -6.63 -2.29
C ALA A 226 15.47 -7.03 -3.34
N GLU A 227 15.85 -8.30 -3.35
CA GLU A 227 16.77 -8.85 -4.37
C GLU A 227 16.23 -8.70 -5.78
N LEU A 228 14.94 -8.99 -5.97
CA LEU A 228 14.34 -8.83 -7.29
C LEU A 228 14.38 -7.37 -7.73
N LEU A 229 14.35 -6.46 -6.77
CA LEU A 229 14.34 -5.04 -7.07
C LEU A 229 15.73 -4.48 -7.35
N LEU A 230 16.73 -4.94 -6.58
CA LEU A 230 18.11 -4.47 -6.71
C LEU A 230 18.91 -5.13 -7.82
N GLY A 231 18.47 -6.30 -8.29
CA GLY A 231 19.32 -7.13 -9.15
C GLY A 231 20.41 -7.86 -8.36
N GLN A 232 20.39 -7.73 -7.04
CA GLN A 232 21.34 -8.43 -6.17
C GLN A 232 20.80 -8.56 -4.73
N PRO A 233 21.31 -9.54 -3.96
CA PRO A 233 20.89 -9.71 -2.55
C PRO A 233 21.00 -8.42 -1.76
N ILE A 234 19.98 -8.13 -0.94
CA ILE A 234 20.02 -6.91 -0.14
C ILE A 234 21.02 -7.02 1.03
N PHE A 235 21.17 -8.23 1.58
CA PHE A 235 22.05 -8.46 2.73
C PHE A 235 23.10 -9.55 2.45
N PRO A 236 24.17 -9.22 1.71
CA PRO A 236 25.16 -10.26 1.34
C PRO A 236 26.26 -10.53 2.42
N GLY A 237 25.89 -11.09 3.55
CA GLY A 237 26.86 -11.30 4.63
C GLY A 237 27.92 -12.34 4.32
N ASP A 238 29.17 -12.03 4.69
CA ASP A 238 30.30 -12.96 4.47
C ASP A 238 30.37 -14.04 5.54
N SER A 239 29.50 -13.93 6.55
CA SER A 239 29.47 -14.80 7.71
C SER A 239 28.28 -14.42 8.57
N GLY A 240 28.04 -15.19 9.64
CA GLY A 240 26.96 -14.92 10.61
C GLY A 240 26.95 -13.53 11.21
N VAL A 241 28.09 -13.07 11.72
CA VAL A 241 28.19 -11.75 12.34
C VAL A 241 28.05 -10.64 11.29
N ASP A 242 28.68 -10.86 10.14
CA ASP A 242 28.64 -9.91 9.04
C ASP A 242 27.22 -9.75 8.48
N GLN A 243 26.43 -10.83 8.54
CA GLN A 243 25.03 -10.77 8.16
C GLN A 243 24.28 -9.69 8.96
N LEU A 244 24.58 -9.56 10.26
CA LEU A 244 23.98 -8.49 11.06
C LEU A 244 24.54 -7.13 10.68
N VAL A 245 25.85 -7.05 10.46
CA VAL A 245 26.46 -5.81 9.95
C VAL A 245 25.65 -5.33 8.75
N GLU A 246 25.44 -6.23 7.78
CA GLU A 246 24.64 -5.93 6.58
C GLU A 246 23.24 -5.42 6.89
N ILE A 247 22.53 -6.12 7.77
CA ILE A 247 21.20 -5.71 8.20
C ILE A 247 21.22 -4.31 8.85
N ILE A 248 22.20 -4.07 9.72
CA ILE A 248 22.33 -2.81 10.45
C ILE A 248 22.59 -1.63 9.50
N LYS A 249 23.24 -1.87 8.37
CA LYS A 249 23.48 -0.81 7.38
C LYS A 249 22.19 -0.27 6.78
N VAL A 250 21.13 -1.08 6.76
CA VAL A 250 19.81 -0.64 6.27
C VAL A 250 18.87 -0.24 7.42
N LEU A 251 18.69 -1.13 8.39
CA LEU A 251 17.70 -0.94 9.45
C LEU A 251 18.20 -0.19 10.70
N GLY A 252 19.51 0.03 10.77
CA GLY A 252 20.10 0.56 12.00
C GLY A 252 20.14 -0.50 13.08
N THR A 253 20.48 -0.10 14.31
CA THR A 253 20.53 -1.02 15.42
C THR A 253 19.12 -1.23 15.92
N PRO A 254 18.84 -2.41 16.51
CA PRO A 254 17.50 -2.59 17.06
C PRO A 254 17.40 -1.91 18.42
N THR A 255 16.19 -1.55 18.82
CA THR A 255 15.94 -0.96 20.13
C THR A 255 15.98 -2.10 21.13
N ARG A 256 16.06 -1.78 22.42
CA ARG A 256 15.92 -2.78 23.49
C ARG A 256 14.61 -3.59 23.43
N GLU A 257 13.53 -2.95 22.96
N GLU A 257 13.53 -2.95 22.99
CA GLU A 257 12.23 -3.60 22.84
CA GLU A 257 12.25 -3.62 22.83
C GLU A 257 12.16 -4.53 21.62
C GLU A 257 12.34 -4.63 21.69
N GLN A 258 12.88 -4.18 20.56
CA GLN A 258 13.06 -5.05 19.39
C GLN A 258 13.97 -6.24 19.71
N ILE A 259 15.01 -6.02 20.52
CA ILE A 259 15.88 -7.12 20.95
C ILE A 259 15.09 -8.14 21.77
N ARG A 260 14.21 -7.63 22.65
CA ARG A 260 13.43 -8.53 23.51
C ARG A 260 12.43 -9.34 22.70
N GLU A 261 11.83 -8.68 21.72
CA GLU A 261 10.93 -9.34 20.77
C GLU A 261 11.62 -10.42 19.91
N MET A 262 12.87 -10.18 19.53
CA MET A 262 13.63 -11.15 18.71
C MET A 262 14.12 -12.33 19.54
N ASN A 263 14.80 -12.04 20.64
CA ASN A 263 15.28 -13.08 21.54
C ASN A 263 15.26 -12.61 23.00
N PRO A 264 14.27 -13.08 23.78
CA PRO A 264 14.10 -12.61 25.18
C PRO A 264 15.26 -13.03 26.10
N ASN A 265 15.96 -14.09 25.71
CA ASN A 265 17.06 -14.64 26.49
C ASN A 265 18.40 -13.99 26.16
N TYR A 266 18.35 -12.96 25.30
CA TYR A 266 19.54 -12.18 24.96
C TYR A 266 19.47 -10.78 25.55
N THR A 267 20.58 -10.33 26.13
CA THR A 267 20.70 -9.03 26.78
C THR A 267 21.98 -8.37 26.31
N GLU A 268 21.90 -7.14 25.84
CA GLU A 268 23.09 -6.33 25.63
C GLU A 268 22.86 -4.95 26.24
N PHE A 269 23.44 -4.73 27.42
N PHE A 269 23.46 -4.71 27.41
CA PHE A 269 23.28 -3.50 28.21
CA PHE A 269 23.18 -3.48 28.15
C PHE A 269 23.64 -2.26 27.40
C PHE A 269 23.67 -2.21 27.46
N LYS A 270 24.87 -2.25 26.88
CA LYS A 270 25.41 -1.08 26.22
C LYS A 270 25.86 -1.39 24.79
N PHE A 271 25.40 -0.57 23.84
CA PHE A 271 25.83 -0.62 22.44
C PHE A 271 25.53 0.71 21.78
N PRO A 272 26.37 1.14 20.82
CA PRO A 272 26.10 2.41 20.14
C PRO A 272 24.91 2.32 19.19
N GLN A 273 23.98 3.25 19.32
N GLN A 273 23.95 3.22 19.35
CA GLN A 273 22.75 3.25 18.52
CA GLN A 273 22.79 3.27 18.50
C GLN A 273 22.93 3.92 17.15
C GLN A 273 23.10 3.81 17.12
N ILE A 274 22.46 3.23 16.10
CA ILE A 274 22.60 3.68 14.74
C ILE A 274 21.22 3.80 14.13
N LYS A 275 20.95 4.93 13.52
CA LYS A 275 19.68 5.17 12.84
C LYS A 275 19.54 4.40 11.53
N ALA A 276 18.32 4.02 11.21
CA ALA A 276 18.01 3.38 9.94
C ALA A 276 18.39 4.28 8.77
N HIS A 277 18.87 3.65 7.71
N HIS A 277 18.88 3.67 7.70
CA HIS A 277 19.05 4.28 6.41
CA HIS A 277 19.06 4.38 6.45
C HIS A 277 17.66 4.38 5.77
C HIS A 277 17.71 4.37 5.72
N PRO A 278 17.35 5.49 5.08
CA PRO A 278 16.02 5.56 4.41
C PRO A 278 15.85 4.54 3.30
N TRP A 279 14.69 3.90 3.30
CA TRP A 279 14.35 2.88 2.31
C TRP A 279 14.42 3.40 0.89
N THR A 280 14.05 4.67 0.71
CA THR A 280 14.05 5.27 -0.61
C THR A 280 15.43 5.43 -1.21
N LYS A 281 16.48 5.34 -0.38
CA LYS A 281 17.86 5.36 -0.86
C LYS A 281 18.49 3.97 -0.99
N VAL A 282 17.87 2.98 -0.37
CA VAL A 282 18.34 1.58 -0.48
C VAL A 282 18.22 1.11 -1.93
N PHE A 283 17.11 1.50 -2.57
CA PHE A 283 16.78 1.04 -3.91
C PHE A 283 17.10 2.12 -4.93
N ARG A 284 17.25 1.71 -6.19
N ARG A 284 17.30 1.72 -6.18
CA ARG A 284 17.48 2.64 -7.28
CA ARG A 284 17.55 2.66 -7.26
C ARG A 284 16.33 3.65 -7.36
C ARG A 284 16.36 3.62 -7.42
N PRO A 285 16.62 4.88 -7.85
CA PRO A 285 15.56 5.91 -7.99
C PRO A 285 14.24 5.49 -8.66
N ARG A 286 14.35 4.74 -9.77
N ARG A 286 14.32 4.77 -9.78
CA ARG A 286 13.20 4.29 -10.55
CA ARG A 286 13.10 4.35 -10.49
C ARG A 286 12.28 3.27 -9.85
C ARG A 286 12.54 3.00 -10.03
N THR A 287 12.76 2.67 -8.76
CA THR A 287 12.09 1.54 -8.10
C THR A 287 10.69 1.99 -7.70
N PRO A 288 9.67 1.22 -8.08
CA PRO A 288 8.27 1.51 -7.76
C PRO A 288 8.09 1.74 -6.26
N PRO A 289 7.59 2.93 -5.88
CA PRO A 289 7.42 3.26 -4.46
C PRO A 289 6.62 2.21 -3.69
N GLU A 290 5.65 1.57 -4.36
CA GLU A 290 4.80 0.58 -3.71
C GLU A 290 5.56 -0.71 -3.34
N ALA A 291 6.54 -1.07 -4.15
CA ALA A 291 7.43 -2.17 -3.83
C ALA A 291 8.27 -1.87 -2.58
N ILE A 292 8.74 -0.63 -2.47
CA ILE A 292 9.54 -0.20 -1.32
C ILE A 292 8.65 -0.17 -0.09
N ALA A 293 7.42 0.29 -0.25
CA ALA A 293 6.45 0.29 0.85
C ALA A 293 6.23 -1.13 1.40
N LEU A 294 6.00 -2.09 0.50
CA LEU A 294 5.76 -3.46 0.90
C LEU A 294 6.99 -3.99 1.64
N CYS A 295 8.15 -3.76 1.05
CA CYS A 295 9.39 -4.25 1.60
C CYS A 295 9.64 -3.79 3.06
N SER A 296 9.29 -2.54 3.35
CA SER A 296 9.43 -1.96 4.68
C SER A 296 8.54 -2.60 5.75
N ARG A 297 7.49 -3.27 5.30
CA ARG A 297 6.57 -3.97 6.21
C ARG A 297 6.92 -5.46 6.38
N LEU A 298 7.96 -5.91 5.67
CA LEU A 298 8.47 -7.27 5.74
C LEU A 298 9.83 -7.33 6.45
N LEU A 299 10.67 -6.34 6.15
CA LEU A 299 12.01 -6.29 6.75
C LEU A 299 11.97 -5.42 7.98
N GLU A 300 11.28 -5.92 9.00
CA GLU A 300 11.23 -5.34 10.34
C GLU A 300 12.00 -6.23 11.28
N TYR A 301 12.74 -5.62 12.22
CA TYR A 301 13.33 -6.35 13.33
C TYR A 301 12.27 -7.10 14.13
N THR A 302 11.19 -6.43 14.50
CA THR A 302 10.13 -7.02 15.35
C THR A 302 9.31 -8.11 14.62
N PRO A 303 9.53 -9.38 14.98
CA PRO A 303 8.83 -10.47 14.23
C PRO A 303 7.33 -10.31 14.10
N THR A 304 6.66 -9.84 15.16
CA THR A 304 5.20 -9.69 15.11
C THR A 304 4.74 -8.46 14.30
N ALA A 305 5.66 -7.56 13.97
CA ALA A 305 5.28 -6.39 13.18
C ALA A 305 5.25 -6.71 11.67
N ARG A 306 5.86 -7.83 11.29
CA ARG A 306 5.88 -8.22 9.88
C ARG A 306 4.50 -8.59 9.41
N LEU A 307 4.19 -8.26 8.15
CA LEU A 307 2.96 -8.67 7.50
C LEU A 307 2.84 -10.18 7.50
N THR A 308 1.62 -10.70 7.64
CA THR A 308 1.35 -12.10 7.38
C THR A 308 1.32 -12.28 5.87
N PRO A 309 1.60 -13.49 5.37
CA PRO A 309 1.50 -13.75 3.93
C PRO A 309 0.17 -13.33 3.30
N LEU A 310 -0.95 -13.63 3.97
CA LEU A 310 -2.26 -13.20 3.48
C LEU A 310 -2.35 -11.69 3.40
N GLU A 311 -1.97 -11.00 4.48
CA GLU A 311 -1.86 -9.55 4.49
C GLU A 311 -0.99 -9.07 3.33
N ALA A 312 0.16 -9.70 3.12
CA ALA A 312 1.04 -9.32 2.03
C ALA A 312 0.34 -9.45 0.67
N CYS A 313 -0.40 -10.53 0.47
CA CYS A 313 -1.21 -10.74 -0.76
C CYS A 313 -2.22 -9.62 -1.02
N ALA A 314 -2.77 -9.04 0.05
CA ALA A 314 -3.84 -8.04 -0.06
C ALA A 314 -3.31 -6.61 -0.22
N HIS A 315 -1.97 -6.49 -0.29
CA HIS A 315 -1.28 -5.22 -0.39
C HIS A 315 -1.48 -4.55 -1.75
N SER A 316 -1.63 -3.21 -1.73
CA SER A 316 -1.79 -2.35 -2.92
C SER A 316 -0.86 -2.64 -4.07
N PHE A 317 0.34 -3.14 -3.75
CA PHE A 317 1.35 -3.45 -4.78
C PHE A 317 0.90 -4.52 -5.78
N PHE A 318 0.03 -5.43 -5.34
CA PHE A 318 -0.49 -6.49 -6.20
C PHE A 318 -1.82 -6.11 -6.85
N ASP A 319 -2.21 -4.83 -6.78
CA ASP A 319 -3.47 -4.35 -7.37
C ASP A 319 -3.54 -4.68 -8.86
N GLU A 320 -2.44 -4.48 -9.57
CA GLU A 320 -2.39 -4.83 -10.98
C GLU A 320 -2.77 -6.28 -11.30
N LEU A 321 -2.47 -7.21 -10.39
CA LEU A 321 -2.83 -8.63 -10.56
C LEU A 321 -4.36 -8.87 -10.45
N ARG A 322 -5.04 -8.01 -9.69
CA ARG A 322 -6.49 -8.10 -9.49
C ARG A 322 -7.29 -7.37 -10.58
N ASP A 323 -6.58 -6.80 -11.53
CA ASP A 323 -7.17 -6.06 -12.66
C ASP A 323 -7.64 -7.04 -13.76
N PRO A 324 -8.94 -6.98 -14.12
CA PRO A 324 -9.52 -7.86 -15.16
C PRO A 324 -8.68 -7.99 -16.44
N ASN A 325 -8.06 -6.90 -16.88
CA ASN A 325 -7.39 -6.87 -18.18
C ASN A 325 -5.90 -7.27 -18.17
N VAL A 326 -5.38 -7.67 -17.00
CA VAL A 326 -3.95 -7.93 -16.85
C VAL A 326 -3.47 -9.04 -17.76
N LYS A 327 -2.23 -8.93 -18.26
CA LYS A 327 -1.64 -9.95 -19.11
C LYS A 327 -0.14 -10.01 -18.89
N LEU A 328 0.42 -11.20 -19.09
CA LEU A 328 1.88 -11.39 -19.14
C LEU A 328 2.45 -10.63 -20.34
N PRO A 329 3.74 -10.23 -20.28
CA PRO A 329 4.34 -9.53 -21.41
C PRO A 329 4.36 -10.38 -22.68
N ASN A 330 4.15 -11.68 -22.54
CA ASN A 330 4.11 -12.57 -23.71
C ASN A 330 2.72 -12.77 -24.33
N GLY A 331 1.76 -11.95 -23.90
CA GLY A 331 0.38 -12.01 -24.38
C GLY A 331 -0.50 -12.99 -23.64
N ARG A 332 0.10 -14.06 -23.11
CA ARG A 332 -0.62 -15.08 -22.33
C ARG A 332 -1.36 -14.48 -21.13
N ASP A 333 -2.46 -15.14 -20.76
CA ASP A 333 -3.17 -14.81 -19.53
C ASP A 333 -2.30 -15.20 -18.33
N THR A 334 -2.54 -14.59 -17.19
CA THR A 334 -1.76 -14.91 -16.00
C THR A 334 -2.24 -16.23 -15.42
N PRO A 335 -1.39 -16.91 -14.62
CA PRO A 335 -1.84 -18.15 -13.95
C PRO A 335 -2.95 -17.88 -12.95
N ALA A 336 -3.49 -18.95 -12.38
CA ALA A 336 -4.54 -18.88 -11.39
C ALA A 336 -4.02 -18.13 -10.16
N LEU A 337 -4.74 -17.10 -9.74
CA LEU A 337 -4.34 -16.27 -8.61
C LEU A 337 -5.38 -16.25 -7.51
N PHE A 338 -6.63 -16.58 -7.85
CA PHE A 338 -7.76 -16.30 -6.95
C PHE A 338 -8.49 -17.52 -6.37
N ASN A 339 -7.97 -18.71 -6.63
CA ASN A 339 -8.60 -19.97 -6.19
C ASN A 339 -8.29 -20.31 -4.75
N PHE A 340 -8.68 -19.43 -3.83
CA PHE A 340 -8.41 -19.59 -2.40
C PHE A 340 -9.30 -20.66 -1.75
N THR A 341 -8.73 -21.37 -0.78
CA THR A 341 -9.46 -22.38 -0.01
C THR A 341 -9.58 -21.91 1.44
N THR A 342 -10.52 -22.50 2.16
CA THR A 342 -10.74 -22.21 3.57
C THR A 342 -9.43 -22.33 4.38
N GLN A 343 -8.62 -23.32 4.02
CA GLN A 343 -7.33 -23.58 4.65
C GLN A 343 -6.40 -22.37 4.48
N GLU A 344 -6.26 -21.92 3.24
CA GLU A 344 -5.43 -20.76 2.90
C GLU A 344 -5.90 -19.43 3.54
N LEU A 345 -7.21 -19.30 3.75
CA LEU A 345 -7.78 -18.08 4.31
C LEU A 345 -7.93 -18.10 5.82
N SER A 346 -7.58 -19.21 6.46
CA SER A 346 -7.94 -19.45 7.85
C SER A 346 -7.40 -18.44 8.88
N SER A 347 -6.28 -17.79 8.58
CA SER A 347 -5.73 -16.77 9.48
C SER A 347 -6.55 -15.47 9.52
N ASN A 348 -7.36 -15.25 8.49
CA ASN A 348 -8.19 -14.04 8.35
C ASN A 348 -9.24 -14.21 7.25
N PRO A 349 -10.30 -15.00 7.52
CA PRO A 349 -11.28 -15.36 6.47
C PRO A 349 -12.00 -14.18 5.78
N PRO A 350 -12.41 -13.14 6.53
CA PRO A 350 -12.94 -11.92 5.87
C PRO A 350 -12.14 -11.37 4.68
N LEU A 351 -10.80 -11.40 4.74
CA LEU A 351 -9.94 -10.90 3.64
C LEU A 351 -10.30 -11.42 2.23
N ALA A 352 -10.98 -12.57 2.18
CA ALA A 352 -11.36 -13.21 0.92
C ALA A 352 -12.03 -12.26 -0.08
N THR A 353 -12.89 -11.37 0.41
CA THR A 353 -13.64 -10.44 -0.46
C THR A 353 -12.76 -9.35 -1.11
N ILE A 354 -11.60 -9.06 -0.53
CA ILE A 354 -10.61 -8.16 -1.14
C ILE A 354 -9.66 -8.94 -2.05
N LEU A 355 -9.22 -10.11 -1.59
CA LEU A 355 -8.30 -10.97 -2.34
C LEU A 355 -8.91 -11.53 -3.63
N ILE A 356 -10.18 -11.88 -3.57
CA ILE A 356 -10.90 -12.35 -4.75
C ILE A 356 -11.69 -11.19 -5.36
N PRO A 357 -11.25 -10.69 -6.51
CA PRO A 357 -11.96 -9.60 -7.16
C PRO A 357 -13.32 -10.06 -7.74
N PRO A 358 -14.29 -9.11 -7.87
CA PRO A 358 -15.59 -9.32 -8.51
C PRO A 358 -15.57 -10.21 -9.77
N HIS A 359 -14.60 -10.00 -10.66
CA HIS A 359 -14.53 -10.75 -11.92
C HIS A 359 -14.01 -12.19 -11.79
N ALA A 360 -13.62 -12.58 -10.58
CA ALA A 360 -13.00 -13.89 -10.36
C ALA A 360 -14.01 -14.92 -9.90
N ARG A 361 -15.04 -14.47 -9.19
CA ARG A 361 -16.09 -15.35 -8.67
C ARG A 361 -16.81 -16.09 -9.79
N ILE A 362 -17.23 -17.33 -9.50
CA ILE A 362 -17.98 -18.16 -10.47
C ILE A 362 -19.36 -17.54 -10.78
N GLN A 363 -19.80 -17.70 -12.03
N LYS B 14 -26.00 42.48 22.74
CA LYS B 14 -26.67 42.90 21.47
C LYS B 14 -27.12 41.68 20.69
N VAL B 15 -28.40 41.36 20.81
CA VAL B 15 -28.96 40.15 20.22
C VAL B 15 -29.54 40.40 18.82
N THR B 16 -29.05 39.62 17.85
CA THR B 16 -29.66 39.55 16.52
C THR B 16 -30.63 38.37 16.53
N THR B 17 -31.82 38.58 16.00
CA THR B 17 -32.82 37.53 15.93
C THR B 17 -33.41 37.45 14.52
N VAL B 18 -33.51 36.21 14.02
CA VAL B 18 -33.96 35.93 12.64
C VAL B 18 -34.86 34.70 12.60
N VAL B 19 -35.73 34.62 11.61
CA VAL B 19 -36.41 33.37 11.33
C VAL B 19 -35.54 32.57 10.38
N ALA B 20 -35.07 31.41 10.85
CA ALA B 20 -34.20 30.58 10.05
C ALA B 20 -34.79 29.20 9.90
N THR B 21 -34.32 28.47 8.90
CA THR B 21 -34.77 27.11 8.63
C THR B 21 -33.63 26.13 8.96
N PRO B 22 -33.91 25.12 9.80
CA PRO B 22 -32.90 24.13 10.17
C PRO B 22 -32.27 23.46 8.96
N GLY B 23 -30.98 23.14 9.08
CA GLY B 23 -30.23 22.55 7.96
C GLY B 23 -30.70 21.18 7.52
N GLN B 24 -30.97 20.31 8.51
CA GLN B 24 -31.55 18.99 8.24
C GLN B 24 -32.74 18.76 9.16
N GLY B 25 -33.72 18.02 8.65
CA GLY B 25 -34.84 17.54 9.48
C GLY B 25 -36.19 18.08 9.11
N PRO B 26 -36.72 19.03 9.91
CA PRO B 26 -38.12 19.44 9.80
C PRO B 26 -38.48 20.24 8.53
N ASP B 27 -37.76 21.33 8.28
CA ASP B 27 -38.09 22.28 7.19
C ASP B 27 -39.04 23.38 7.70
N ARG B 28 -39.61 23.15 8.88
CA ARG B 28 -40.43 24.13 9.57
C ARG B 28 -39.54 25.25 10.12
N PRO B 29 -39.80 26.51 9.74
CA PRO B 29 -38.98 27.64 10.18
C PRO B 29 -39.06 27.88 11.69
N GLN B 30 -38.21 28.76 12.19
CA GLN B 30 -37.95 28.84 13.62
C GLN B 30 -37.16 30.09 13.93
N GLU B 31 -37.42 30.66 15.10
N GLU B 31 -37.42 30.63 15.12
CA GLU B 31 -36.69 31.83 15.58
CA GLU B 31 -36.71 31.78 15.66
C GLU B 31 -35.34 31.41 16.17
C GLU B 31 -35.32 31.36 16.16
N VAL B 32 -34.28 32.08 15.71
CA VAL B 32 -32.91 31.78 16.12
C VAL B 32 -32.20 33.06 16.56
N SER B 33 -31.65 33.03 17.77
CA SER B 33 -30.95 34.20 18.33
C SER B 33 -29.44 33.98 18.44
N TYR B 34 -28.68 35.04 18.17
CA TYR B 34 -27.22 34.99 18.30
C TYR B 34 -26.60 36.33 18.70
N THR B 35 -25.38 36.25 19.23
CA THR B 35 -24.65 37.41 19.74
C THR B 35 -23.18 37.37 19.34
N ASP B 36 -22.46 38.47 19.62
CA ASP B 36 -21.00 38.58 19.45
C ASP B 36 -20.53 38.51 18.00
N THR B 37 -21.28 39.12 17.10
CA THR B 37 -21.05 39.02 15.66
C THR B 37 -19.78 39.73 15.21
N LYS B 38 -18.79 38.95 14.77
N LYS B 38 -18.76 38.95 14.81
CA LYS B 38 -17.50 39.48 14.30
CA LYS B 38 -17.52 39.52 14.27
C LYS B 38 -17.07 38.90 12.94
C LYS B 38 -17.16 38.93 12.90
N VAL B 39 -16.51 39.75 12.08
CA VAL B 39 -16.05 39.34 10.75
C VAL B 39 -14.81 38.45 10.84
N ILE B 40 -14.86 37.27 10.22
CA ILE B 40 -13.69 36.38 10.13
C ILE B 40 -13.19 36.11 8.70
N GLY B 41 -13.92 36.56 7.69
CA GLY B 41 -13.55 36.28 6.31
C GLY B 41 -14.28 37.09 5.26
N ASN B 42 -13.53 37.50 4.24
CA ASN B 42 -14.03 38.31 3.14
C ASN B 42 -13.56 37.72 1.82
N GLY B 43 -14.17 38.17 0.73
CA GLY B 43 -13.79 37.74 -0.61
C GLY B 43 -14.89 38.03 -1.59
N SER B 44 -14.67 37.68 -2.86
CA SER B 44 -15.70 37.85 -3.88
C SER B 44 -16.95 36.99 -3.58
N PHE B 45 -16.76 35.89 -2.85
CA PHE B 45 -17.87 35.03 -2.43
C PHE B 45 -18.88 35.75 -1.55
N GLY B 46 -18.42 36.73 -0.78
CA GLY B 46 -19.26 37.39 0.21
C GLY B 46 -18.48 37.59 1.50
N VAL B 47 -19.12 37.28 2.62
CA VAL B 47 -18.54 37.50 3.94
C VAL B 47 -18.86 36.30 4.84
N VAL B 48 -17.94 35.97 5.75
CA VAL B 48 -18.21 34.98 6.80
C VAL B 48 -18.04 35.69 8.14
N TYR B 49 -19.01 35.49 9.03
CA TYR B 49 -18.99 36.06 10.38
C TYR B 49 -18.84 34.93 11.38
N GLN B 50 -18.30 35.26 12.54
CA GLN B 50 -18.38 34.38 13.68
C GLN B 50 -19.47 34.92 14.61
N ALA B 51 -20.17 34.02 15.30
CA ALA B 51 -21.21 34.41 16.24
C ALA B 51 -21.48 33.31 17.26
N LYS B 52 -22.17 33.68 18.34
CA LYS B 52 -22.48 32.77 19.42
C LYS B 52 -23.99 32.63 19.51
N LEU B 53 -24.47 31.40 19.49
CA LEU B 53 -25.89 31.11 19.69
C LEU B 53 -26.30 31.37 21.14
N CYS B 54 -27.33 32.21 21.32
CA CYS B 54 -27.85 32.52 22.66
C CYS B 54 -28.42 31.28 23.34
N ASP B 55 -28.98 30.40 22.51
CA ASP B 55 -29.79 29.28 22.98
C ASP B 55 -28.97 28.17 23.63
N SER B 56 -27.64 28.18 23.43
CA SER B 56 -26.77 27.09 23.88
C SER B 56 -25.28 27.45 23.97
N GLY B 57 -24.92 28.70 23.69
CA GLY B 57 -23.53 29.15 23.81
C GLY B 57 -22.59 28.73 22.71
N GLU B 58 -23.02 27.79 21.86
CA GLU B 58 -22.21 27.24 20.77
C GLU B 58 -21.81 28.28 19.72
N LEU B 59 -20.55 28.22 19.30
CA LEU B 59 -20.03 29.13 18.28
C LEU B 59 -20.40 28.71 16.86
N VAL B 60 -20.78 29.67 16.04
CA VAL B 60 -21.21 29.42 14.66
C VAL B 60 -20.52 30.36 13.69
N ALA B 61 -20.46 29.92 12.45
CA ALA B 61 -19.97 30.75 11.36
C ALA B 61 -21.15 31.02 10.47
N ILE B 62 -21.32 32.27 10.08
CA ILE B 62 -22.44 32.64 9.26
C ILE B 62 -21.86 33.10 7.95
N LYS B 63 -22.16 32.35 6.89
CA LYS B 63 -21.69 32.66 5.55
C LYS B 63 -22.79 33.41 4.81
N LYS B 64 -22.54 34.68 4.50
CA LYS B 64 -23.51 35.56 3.84
C LYS B 64 -23.14 35.72 2.39
N VAL B 65 -24.06 35.32 1.51
CA VAL B 65 -23.82 35.33 0.08
C VAL B 65 -24.97 36.07 -0.59
N LEU B 66 -24.64 36.89 -1.57
CA LEU B 66 -25.66 37.51 -2.43
C LEU B 66 -26.26 36.44 -3.36
N GLN B 67 -27.57 36.28 -3.28
CA GLN B 67 -28.26 35.21 -3.98
C GLN B 67 -29.50 35.73 -4.70
N ASP B 68 -29.61 35.36 -5.97
CA ASP B 68 -30.67 35.82 -6.85
C ASP B 68 -31.79 34.78 -7.01
N LYS B 69 -32.94 35.03 -6.39
CA LYS B 69 -34.20 34.34 -6.73
C LYS B 69 -34.71 34.97 -8.03
N ARG B 70 -35.44 34.24 -8.87
CA ARG B 70 -35.87 32.86 -8.63
C ARG B 70 -34.84 31.84 -9.11
N PHE B 71 -33.82 31.61 -8.30
CA PHE B 71 -32.78 30.63 -8.62
C PHE B 71 -32.38 29.77 -7.42
N LYS B 72 -32.11 28.50 -7.70
CA LYS B 72 -31.64 27.54 -6.72
C LYS B 72 -30.16 27.81 -6.40
N ASN B 73 -29.84 27.98 -5.12
CA ASN B 73 -28.44 27.98 -4.72
C ASN B 73 -27.96 26.54 -4.64
N ARG B 74 -26.97 26.20 -5.45
CA ARG B 74 -26.37 24.86 -5.46
C ARG B 74 -25.74 24.46 -4.13
N GLU B 75 -24.98 25.38 -3.54
CA GLU B 75 -24.29 25.15 -2.28
C GLU B 75 -25.30 24.75 -1.20
N LEU B 76 -26.38 25.52 -1.09
N LEU B 76 -26.38 25.51 -1.08
CA LEU B 76 -27.44 25.28 -0.11
CA LEU B 76 -27.42 25.24 -0.09
C LEU B 76 -28.05 23.88 -0.27
C LEU B 76 -28.07 23.87 -0.27
N GLN B 77 -28.35 23.50 -1.51
CA GLN B 77 -29.03 22.23 -1.81
C GLN B 77 -28.15 21.05 -1.50
N ILE B 78 -26.85 21.21 -1.76
CA ILE B 78 -25.86 20.18 -1.43
C ILE B 78 -25.74 20.07 0.08
N MET B 79 -25.61 21.22 0.76
CA MET B 79 -25.39 21.23 2.20
C MET B 79 -26.57 20.67 3.03
N ARG B 80 -27.78 20.78 2.49
CA ARG B 80 -28.98 20.19 3.14
C ARG B 80 -29.00 18.67 3.12
N LYS B 81 -28.26 18.06 2.20
CA LYS B 81 -28.18 16.60 2.11
C LYS B 81 -27.19 15.95 3.08
N LEU B 82 -26.25 16.74 3.61
CA LEU B 82 -25.04 16.18 4.23
C LEU B 82 -25.05 16.13 5.76
N ASP B 83 -24.83 14.94 6.29
CA ASP B 83 -24.71 14.75 7.72
C ASP B 83 -23.56 13.80 7.97
N HIS B 84 -22.40 14.37 8.29
CA HIS B 84 -21.19 13.57 8.43
C HIS B 84 -20.18 14.23 9.37
N CYS B 85 -19.56 13.41 10.23
CA CYS B 85 -18.61 13.91 11.23
C CYS B 85 -17.40 14.66 10.63
N ASN B 86 -17.03 14.35 9.40
CA ASN B 86 -15.94 15.06 8.72
C ASN B 86 -16.38 16.14 7.72
N ILE B 87 -17.65 16.56 7.81
CA ILE B 87 -18.12 17.67 6.99
C ILE B 87 -18.71 18.75 7.87
N VAL B 88 -18.37 20.00 7.59
CA VAL B 88 -18.91 21.11 8.35
C VAL B 88 -20.43 21.04 8.28
N ARG B 89 -21.10 21.10 9.43
CA ARG B 89 -22.54 20.92 9.48
C ARG B 89 -23.28 22.24 9.26
N LEU B 90 -24.27 22.21 8.38
CA LEU B 90 -25.21 23.32 8.22
C LEU B 90 -26.28 23.26 9.32
N ARG B 91 -26.25 24.20 10.27
CA ARG B 91 -27.24 24.20 11.36
C ARG B 91 -28.54 24.87 10.98
N TYR B 92 -28.41 26.00 10.28
CA TYR B 92 -29.56 26.77 9.84
C TYR B 92 -29.23 27.48 8.55
N PHE B 93 -30.26 27.86 7.81
CA PHE B 93 -30.13 28.88 6.79
C PHE B 93 -31.24 29.91 6.88
N PHE B 94 -30.94 31.14 6.49
CA PHE B 94 -31.96 32.18 6.42
C PHE B 94 -31.66 33.21 5.35
N TYR B 95 -32.70 33.86 4.86
CA TYR B 95 -32.53 34.92 3.89
C TYR B 95 -32.66 36.25 4.61
N SER B 96 -31.98 37.27 4.08
CA SER B 96 -32.03 38.60 4.66
C SER B 96 -31.94 39.57 3.48
N SER B 97 -32.36 40.82 3.70
CA SER B 97 -32.30 41.80 2.63
C SER B 97 -31.40 42.98 3.01
N GLY B 98 -30.70 43.52 2.00
CA GLY B 98 -29.84 44.68 2.19
C GLY B 98 -30.67 45.89 2.60
N GLU B 99 -31.20 46.60 1.60
CA GLU B 99 -32.03 47.80 1.80
C GLU B 99 -32.21 48.54 0.47
N LYS B 100 -31.74 47.91 -0.60
CA LYS B 100 -31.67 48.53 -1.92
C LYS B 100 -32.61 47.79 -2.88
N LYS B 101 -33.89 47.76 -2.51
CA LYS B 101 -34.93 46.97 -3.18
C LYS B 101 -34.55 45.49 -3.25
N ASP B 102 -34.42 44.95 -4.47
CA ASP B 102 -34.11 43.53 -4.66
C ASP B 102 -32.64 43.19 -4.39
N GLU B 103 -32.22 43.34 -3.13
CA GLU B 103 -30.89 42.92 -2.70
C GLU B 103 -31.00 41.88 -1.56
N VAL B 104 -31.13 40.62 -1.95
CA VAL B 104 -31.31 39.50 -1.01
C VAL B 104 -30.00 38.74 -0.75
N TYR B 105 -29.78 38.41 0.51
CA TYR B 105 -28.66 37.57 0.91
C TYR B 105 -29.11 36.22 1.45
N LEU B 106 -28.35 35.18 1.10
CA LEU B 106 -28.50 33.88 1.74
C LEU B 106 -27.43 33.71 2.83
N ASN B 107 -27.86 33.24 4.00
CA ASN B 107 -26.98 33.06 5.14
C ASN B 107 -26.93 31.61 5.58
N LEU B 108 -25.76 30.98 5.45
CA LEU B 108 -25.52 29.62 5.95
C LEU B 108 -24.91 29.67 7.34
N VAL B 109 -25.63 29.12 8.30
CA VAL B 109 -25.15 29.04 9.66
C VAL B 109 -24.44 27.69 9.84
N LEU B 110 -23.12 27.73 9.90
CA LEU B 110 -22.29 26.52 10.02
C LEU B 110 -21.74 26.39 11.42
N ASP B 111 -21.39 25.16 11.81
CA ASP B 111 -20.60 24.91 13.02
C ASP B 111 -19.26 25.61 12.89
N TYR B 112 -18.86 26.36 13.92
CA TYR B 112 -17.59 27.06 13.89
C TYR B 112 -16.45 26.09 14.19
N VAL B 113 -15.36 26.21 13.42
CA VAL B 113 -14.17 25.41 13.62
C VAL B 113 -12.95 26.31 13.56
N PRO B 114 -12.18 26.38 14.67
CA PRO B 114 -11.12 27.39 14.89
C PRO B 114 -9.92 27.37 13.95
N GLU B 115 -9.51 26.21 13.46
CA GLU B 115 -8.28 26.19 12.65
C GLU B 115 -8.47 25.60 11.23
N THR B 116 -7.42 25.63 10.43
CA THR B 116 -7.41 24.95 9.12
C THR B 116 -6.13 24.15 8.94
N VAL B 117 -6.15 23.18 8.01
CA VAL B 117 -4.98 22.40 7.68
C VAL B 117 -3.94 23.35 7.10
N TYR B 118 -4.39 24.33 6.34
CA TYR B 118 -3.47 25.36 5.85
C TYR B 118 -2.67 26.09 6.95
N ARG B 119 -3.34 26.57 8.00
N ARG B 119 -3.36 26.58 7.99
CA ARG B 119 -2.66 27.33 9.05
CA ARG B 119 -2.73 27.33 9.08
C ARG B 119 -1.78 26.49 9.96
C ARG B 119 -1.75 26.45 9.88
N VAL B 120 -2.19 25.25 10.22
CA VAL B 120 -1.37 24.30 10.97
C VAL B 120 -0.08 23.93 10.20
N ALA B 121 -0.20 23.64 8.91
CA ALA B 121 0.95 23.33 8.07
C ALA B 121 1.94 24.48 7.99
N ARG B 122 1.41 25.71 7.89
CA ARG B 122 2.22 26.92 7.75
C ARG B 122 2.98 27.21 9.05
N HIS B 123 2.33 26.96 10.18
CA HIS B 123 2.95 27.06 11.50
C HIS B 123 4.20 26.19 11.60
N TYR B 124 4.09 24.96 11.10
CA TYR B 124 5.21 24.03 11.11
C TYR B 124 6.29 24.45 10.14
N SER B 125 5.86 24.97 9.00
CA SER B 125 6.76 25.40 7.94
C SER B 125 7.57 26.64 8.35
N ARG B 126 6.96 27.51 9.14
CA ARG B 126 7.61 28.74 9.58
C ARG B 126 8.62 28.45 10.67
N ALA B 127 8.26 27.50 11.55
CA ALA B 127 9.14 26.99 12.60
C ALA B 127 10.22 26.05 12.05
N LYS B 128 10.31 25.96 10.72
CA LYS B 128 11.25 25.06 10.04
C LYS B 128 11.14 23.61 10.51
N GLN B 129 9.92 23.11 10.55
CA GLN B 129 9.64 21.72 10.86
C GLN B 129 8.77 21.11 9.79
N THR B 130 8.96 19.82 9.56
CA THR B 130 8.03 19.06 8.75
C THR B 130 6.90 18.64 9.67
N LEU B 131 5.67 18.76 9.18
CA LEU B 131 4.51 18.31 9.96
C LEU B 131 4.70 16.84 10.36
N PRO B 132 4.46 16.52 11.64
CA PRO B 132 4.64 15.14 12.11
C PRO B 132 3.74 14.20 11.34
N VAL B 133 4.30 13.07 10.92
CA VAL B 133 3.63 12.12 10.03
C VAL B 133 2.28 11.62 10.56
N ILE B 134 2.15 11.55 11.90
CA ILE B 134 0.91 11.11 12.51
C ILE B 134 -0.25 12.02 12.13
N TYR B 135 0.03 13.32 12.05
CA TYR B 135 -0.98 14.30 11.69
C TYR B 135 -1.32 14.22 10.22
N VAL B 136 -0.32 13.86 9.42
CA VAL B 136 -0.51 13.69 7.99
C VAL B 136 -1.46 12.51 7.75
N LYS B 137 -1.27 11.43 8.49
CA LYS B 137 -2.13 10.26 8.35
C LYS B 137 -3.55 10.62 8.75
N LEU B 138 -3.67 11.34 9.85
CA LEU B 138 -4.95 11.66 10.43
C LEU B 138 -5.75 12.65 9.59
N TYR B 139 -5.09 13.69 9.09
CA TYR B 139 -5.75 14.69 8.28
C TYR B 139 -6.26 14.07 6.98
N MET B 140 -5.38 13.34 6.32
CA MET B 140 -5.67 12.77 5.01
C MET B 140 -6.75 11.71 5.08
N TYR B 141 -6.68 10.87 6.10
CA TYR B 141 -7.67 9.84 6.30
C TYR B 141 -9.08 10.44 6.39
N GLN B 142 -9.21 11.50 7.18
CA GLN B 142 -10.48 12.14 7.39
C GLN B 142 -10.96 12.86 6.12
N LEU B 143 -10.03 13.46 5.37
CA LEU B 143 -10.36 14.03 4.09
C LEU B 143 -10.99 12.96 3.16
N PHE B 144 -10.32 11.81 3.03
CA PHE B 144 -10.80 10.76 2.13
C PHE B 144 -12.15 10.20 2.55
N ARG B 145 -12.37 10.13 3.86
CA ARG B 145 -13.61 9.67 4.41
C ARG B 145 -14.76 10.63 4.03
N SER B 146 -14.49 11.93 4.12
CA SER B 146 -15.46 12.95 3.72
C SER B 146 -15.70 12.95 2.20
N LEU B 147 -14.67 12.65 1.42
CA LEU B 147 -14.80 12.52 -0.02
C LEU B 147 -15.63 11.31 -0.40
N ALA B 148 -15.38 10.18 0.25
CA ALA B 148 -16.18 8.98 0.03
C ALA B 148 -17.65 9.27 0.29
N TYR B 149 -17.90 10.05 1.32
CA TYR B 149 -19.26 10.37 1.70
C TYR B 149 -19.94 11.23 0.67
N ILE B 150 -19.32 12.35 0.30
CA ILE B 150 -19.97 13.22 -0.67
C ILE B 150 -20.08 12.56 -2.04
N HIS B 151 -19.08 11.78 -2.42
CA HIS B 151 -19.07 11.14 -3.75
C HIS B 151 -20.17 10.08 -3.90
N SER B 152 -20.62 9.51 -2.79
CA SER B 152 -21.67 8.51 -2.81
C SER B 152 -23.04 9.11 -3.23
N PHE B 153 -23.18 10.43 -3.14
CA PHE B 153 -24.37 11.14 -3.66
C PHE B 153 -24.13 11.73 -5.04
N GLY B 154 -23.02 11.37 -5.69
CA GLY B 154 -22.60 12.04 -6.92
C GLY B 154 -22.14 13.49 -6.73
N ILE B 155 -21.83 13.90 -5.51
CA ILE B 155 -21.39 15.28 -5.30
C ILE B 155 -19.87 15.42 -5.44
N CYS B 156 -19.44 16.33 -6.30
CA CYS B 156 -18.04 16.63 -6.46
C CYS B 156 -17.76 18.02 -5.86
N HIS B 157 -16.83 18.06 -4.91
CA HIS B 157 -16.49 19.31 -4.21
C HIS B 157 -15.91 20.39 -5.13
N ARG B 158 -14.95 20.00 -5.97
CA ARG B 158 -14.33 20.90 -6.97
C ARG B 158 -13.45 22.02 -6.41
N ASP B 159 -13.15 21.99 -5.11
CA ASP B 159 -12.22 22.96 -4.56
C ASP B 159 -11.47 22.45 -3.34
N ILE B 160 -10.95 21.21 -3.42
CA ILE B 160 -10.15 20.63 -2.34
C ILE B 160 -8.76 21.30 -2.27
N LYS B 161 -8.44 21.83 -1.10
CA LYS B 161 -7.20 22.57 -0.87
C LYS B 161 -7.06 22.80 0.62
N PRO B 162 -5.84 23.03 1.12
CA PRO B 162 -5.62 23.04 2.57
C PRO B 162 -6.47 24.08 3.31
N GLN B 163 -6.66 25.26 2.70
CA GLN B 163 -7.52 26.32 3.25
C GLN B 163 -8.98 25.87 3.44
N ASN B 164 -9.38 24.79 2.77
CA ASN B 164 -10.75 24.32 2.88
C ASN B 164 -10.94 23.16 3.81
N LEU B 165 -9.88 22.81 4.52
CA LEU B 165 -9.97 21.72 5.49
C LEU B 165 -9.87 22.27 6.91
N LEU B 166 -10.99 22.32 7.59
CA LEU B 166 -11.05 22.89 8.92
C LEU B 166 -10.59 21.90 9.98
N LEU B 167 -9.97 22.44 11.03
CA LEU B 167 -9.33 21.62 12.04
C LEU B 167 -9.66 22.08 13.45
N ASP B 168 -10.14 21.16 14.29
CA ASP B 168 -10.14 21.37 15.73
C ASP B 168 -8.76 20.95 16.25
N PRO B 169 -7.95 21.92 16.74
CA PRO B 169 -6.56 21.65 17.13
C PRO B 169 -6.43 20.71 18.34
N ASP B 170 -7.44 20.68 19.20
CA ASP B 170 -7.43 19.79 20.36
C ASP B 170 -7.73 18.33 19.98
N THR B 171 -8.87 18.11 19.32
CA THR B 171 -9.33 16.76 18.98
C THR B 171 -8.75 16.20 17.68
N ALA B 172 -8.09 17.05 16.89
CA ALA B 172 -7.66 16.71 15.53
C ALA B 172 -8.82 16.27 14.60
N VAL B 173 -10.04 16.72 14.88
CA VAL B 173 -11.17 16.46 13.98
C VAL B 173 -11.01 17.38 12.76
N LEU B 174 -11.12 16.79 11.57
CA LEU B 174 -11.08 17.55 10.34
C LEU B 174 -12.49 17.67 9.79
N LYS B 175 -12.85 18.87 9.35
CA LYS B 175 -14.11 19.06 8.62
C LYS B 175 -13.93 19.79 7.27
N LEU B 176 -14.38 19.13 6.22
CA LEU B 176 -14.42 19.74 4.91
C LEU B 176 -15.45 20.89 4.88
N CYS B 177 -15.06 22.01 4.27
CA CYS B 177 -15.96 23.16 4.13
C CYS B 177 -15.81 23.83 2.76
N ASP B 178 -16.55 24.94 2.58
CA ASP B 178 -16.69 25.68 1.34
C ASP B 178 -17.19 24.80 0.18
N PHE B 179 -18.50 24.56 0.17
CA PHE B 179 -19.17 23.86 -0.94
C PHE B 179 -19.63 24.81 -2.05
N GLY B 180 -19.06 26.01 -2.08
CA GLY B 180 -19.38 27.04 -3.07
C GLY B 180 -18.99 26.74 -4.52
N SER B 181 -18.16 25.72 -4.74
CA SER B 181 -17.84 25.24 -6.10
C SER B 181 -18.44 23.85 -6.34
N ALA B 182 -19.08 23.28 -5.32
CA ALA B 182 -19.56 21.92 -5.39
C ALA B 182 -20.71 21.73 -6.40
N LYS B 183 -20.83 20.51 -6.91
CA LYS B 183 -21.85 20.19 -7.90
C LYS B 183 -22.15 18.70 -7.94
N GLN B 184 -23.44 18.37 -7.95
CA GLN B 184 -23.88 17.02 -8.19
C GLN B 184 -23.66 16.71 -9.66
N LEU B 185 -22.71 15.82 -9.92
CA LEU B 185 -22.31 15.45 -11.27
C LEU B 185 -23.27 14.44 -11.85
N VAL B 186 -23.66 14.69 -13.10
CA VAL B 186 -24.56 13.84 -13.86
C VAL B 186 -23.83 13.45 -15.12
N ARG B 187 -23.54 12.16 -15.25
N ARG B 187 -23.54 12.16 -15.27
CA ARG B 187 -22.92 11.61 -16.45
CA ARG B 187 -22.82 11.67 -16.44
C ARG B 187 -23.71 12.03 -17.68
C ARG B 187 -23.65 11.95 -17.69
N GLY B 188 -23.02 12.63 -18.64
CA GLY B 188 -23.66 13.08 -19.86
C GLY B 188 -23.85 14.58 -19.91
N GLU B 189 -23.90 15.21 -18.74
CA GLU B 189 -24.13 16.66 -18.67
C GLU B 189 -22.82 17.42 -18.46
N PRO B 190 -22.44 18.27 -19.42
CA PRO B 190 -21.21 19.09 -19.34
C PRO B 190 -21.03 19.89 -18.03
N ASN B 191 -19.80 19.87 -17.53
CA ASN B 191 -19.38 20.68 -16.39
C ASN B 191 -18.25 21.61 -16.83
N VAL B 192 -18.14 22.78 -16.21
CA VAL B 192 -17.13 23.78 -16.56
C VAL B 192 -15.70 23.31 -16.22
N SER B 193 -14.74 23.66 -17.08
CA SER B 193 -13.34 23.26 -16.98
C SER B 193 -12.47 24.13 -16.08
N PTR B 194 -12.68 25.44 -16.12
CA PTR B 194 -11.90 26.37 -15.29
C PTR B 194 -12.46 26.34 -13.87
O PTR B 194 -13.27 27.19 -13.48
CB PTR B 194 -11.86 27.81 -15.81
CG PTR B 194 -10.80 28.68 -15.14
CD1 PTR B 194 -9.45 28.50 -15.41
CD2 PTR B 194 -11.16 29.70 -14.25
CE1 PTR B 194 -8.48 29.29 -14.81
CE2 PTR B 194 -10.20 30.50 -13.64
CZ PTR B 194 -8.85 30.28 -13.92
OH PTR B 194 -7.99 31.01 -13.39
P PTR B 194 -6.65 30.50 -12.62
O1P PTR B 194 -7.11 29.68 -11.47
O2P PTR B 194 -5.90 31.73 -12.06
O3P PTR B 194 -5.67 29.74 -13.54
N ILE B 195 -12.05 25.34 -13.12
CA ILE B 195 -12.57 25.11 -11.79
C ILE B 195 -11.43 24.56 -10.91
N CYS B 196 -11.58 24.66 -9.59
N CYS B 196 -11.56 24.71 -9.59
CA CYS B 196 -10.53 24.34 -8.61
CA CYS B 196 -10.54 24.32 -8.62
C CYS B 196 -9.51 25.46 -8.54
C CYS B 196 -9.40 25.34 -8.60
N SER B 197 -8.78 25.52 -7.43
CA SER B 197 -7.63 26.43 -7.30
C SER B 197 -6.51 25.83 -8.10
N ARG B 198 -5.75 26.70 -8.76
CA ARG B 198 -4.77 26.30 -9.74
C ARG B 198 -3.86 25.17 -9.26
N TYR B 199 -3.25 25.31 -8.07
CA TYR B 199 -2.24 24.34 -7.60
C TYR B 199 -2.79 22.91 -7.42
N TYR B 200 -4.10 22.82 -7.21
CA TYR B 200 -4.79 21.55 -6.88
C TYR B 200 -5.64 21.05 -8.04
N ARG B 201 -5.58 21.76 -9.16
CA ARG B 201 -6.41 21.50 -10.32
C ARG B 201 -5.89 20.30 -11.12
N ALA B 202 -6.76 19.30 -11.29
CA ALA B 202 -6.43 18.06 -12.00
C ALA B 202 -6.06 18.32 -13.46
N PRO B 203 -5.17 17.48 -14.05
CA PRO B 203 -4.74 17.76 -15.43
C PRO B 203 -5.86 17.67 -16.49
N GLU B 204 -6.85 16.81 -16.29
CA GLU B 204 -8.01 16.78 -17.23
C GLU B 204 -8.72 18.15 -17.36
N LEU B 205 -8.83 18.88 -16.24
CA LEU B 205 -9.35 20.26 -16.24
C LEU B 205 -8.49 21.23 -17.07
N ILE B 206 -7.17 21.14 -16.93
CA ILE B 206 -6.28 21.98 -17.73
C ILE B 206 -6.44 21.64 -19.23
N PHE B 207 -6.62 20.36 -19.54
CA PHE B 207 -6.86 19.90 -20.91
C PHE B 207 -8.28 20.18 -21.42
N GLY B 208 -9.08 20.88 -20.62
CA GLY B 208 -10.38 21.39 -21.07
C GLY B 208 -11.57 20.47 -20.97
N ALA B 209 -11.38 19.30 -20.34
CA ALA B 209 -12.44 18.31 -20.21
C ALA B 209 -13.69 18.88 -19.55
N THR B 210 -14.86 18.45 -20.05
CA THR B 210 -16.15 18.84 -19.52
C THR B 210 -16.90 17.58 -19.08
N ASP B 211 -16.30 16.42 -19.32
CA ASP B 211 -16.92 15.14 -18.96
C ASP B 211 -16.25 14.48 -17.73
N TYR B 212 -15.59 15.29 -16.90
CA TYR B 212 -14.87 14.78 -15.75
C TYR B 212 -15.74 14.25 -14.62
N THR B 213 -15.10 13.52 -13.72
CA THR B 213 -15.76 12.89 -12.61
C THR B 213 -15.22 13.39 -11.28
N SER B 214 -15.76 12.85 -10.20
CA SER B 214 -15.35 13.19 -8.85
C SER B 214 -13.89 12.80 -8.51
N SER B 215 -13.24 12.05 -9.41
CA SER B 215 -11.82 11.72 -9.23
C SER B 215 -10.92 12.96 -9.37
N ILE B 216 -11.48 14.11 -9.75
CA ILE B 216 -10.72 15.36 -9.70
C ILE B 216 -10.43 15.80 -8.26
N ASP B 217 -11.29 15.39 -7.32
CA ASP B 217 -11.09 15.68 -5.90
C ASP B 217 -9.96 14.82 -5.32
N VAL B 218 -9.82 13.60 -5.85
CA VAL B 218 -8.76 12.69 -5.45
C VAL B 218 -7.40 13.22 -5.90
N TRP B 219 -7.31 13.73 -7.13
CA TRP B 219 -6.10 14.46 -7.56
C TRP B 219 -5.79 15.59 -6.61
N SER B 220 -6.79 16.40 -6.27
CA SER B 220 -6.58 17.52 -5.34
C SER B 220 -6.16 17.03 -3.95
N ALA B 221 -6.78 15.95 -3.49
CA ALA B 221 -6.38 15.29 -2.25
C ALA B 221 -4.90 14.89 -2.30
N GLY B 222 -4.49 14.32 -3.44
CA GLY B 222 -3.12 13.93 -3.66
C GLY B 222 -2.17 15.12 -3.58
N CYS B 223 -2.62 16.28 -4.05
CA CYS B 223 -1.81 17.48 -3.99
C CYS B 223 -1.67 17.98 -2.56
N VAL B 224 -2.70 17.74 -1.74
CA VAL B 224 -2.67 18.11 -0.33
C VAL B 224 -1.71 17.17 0.42
N LEU B 225 -1.79 15.87 0.14
CA LEU B 225 -0.84 14.90 0.69
C LEU B 225 0.59 15.35 0.43
N ALA B 226 0.94 15.49 -0.84
CA ALA B 226 2.31 15.86 -1.24
C ALA B 226 2.78 17.15 -0.55
N GLU B 227 1.90 18.14 -0.47
CA GLU B 227 2.18 19.40 0.16
C GLU B 227 2.54 19.22 1.65
N LEU B 228 1.82 18.36 2.36
CA LEU B 228 2.13 18.09 3.77
C LEU B 228 3.49 17.42 3.96
N LEU B 229 3.93 16.66 2.96
CA LEU B 229 5.20 15.97 3.05
C LEU B 229 6.36 16.88 2.69
N LEU B 230 6.12 17.82 1.78
CA LEU B 230 7.16 18.69 1.25
C LEU B 230 7.28 20.01 2.02
N GLY B 231 6.23 20.40 2.74
CA GLY B 231 6.19 21.69 3.43
C GLY B 231 5.84 22.86 2.51
N GLN B 232 5.30 22.56 1.32
CA GLN B 232 4.99 23.54 0.29
C GLN B 232 4.24 22.86 -0.87
N PRO B 233 3.51 23.63 -1.70
CA PRO B 233 2.75 23.01 -2.79
C PRO B 233 3.65 22.27 -3.77
N ILE B 234 3.20 21.11 -4.24
CA ILE B 234 3.99 20.29 -5.16
C ILE B 234 3.96 20.91 -6.56
N PHE B 235 2.81 21.46 -6.95
CA PHE B 235 2.64 22.05 -8.30
C PHE B 235 2.24 23.54 -8.26
N PRO B 236 3.22 24.43 -8.04
CA PRO B 236 2.92 25.85 -7.91
C PRO B 236 3.02 26.66 -9.23
N GLY B 237 2.11 26.43 -10.16
CA GLY B 237 2.12 27.14 -11.45
C GLY B 237 1.79 28.62 -11.36
N ASP B 238 2.56 29.44 -12.08
CA ASP B 238 2.32 30.90 -12.17
C ASP B 238 1.10 31.23 -13.03
N SER B 239 0.61 30.24 -13.77
CA SER B 239 -0.56 30.39 -14.62
C SER B 239 -1.09 29.01 -15.00
N GLY B 240 -2.22 28.98 -15.70
CA GLY B 240 -2.82 27.74 -16.18
C GLY B 240 -1.91 26.89 -17.03
N VAL B 241 -1.18 27.52 -17.96
CA VAL B 241 -0.24 26.78 -18.80
C VAL B 241 0.93 26.29 -17.95
N ASP B 242 1.46 27.18 -17.12
CA ASP B 242 2.56 26.85 -16.22
C ASP B 242 2.18 25.75 -15.24
N GLN B 243 0.91 25.64 -14.91
CA GLN B 243 0.45 24.56 -14.05
C GLN B 243 0.75 23.19 -14.65
N LEU B 244 0.52 23.02 -15.96
CA LEU B 244 0.81 21.76 -16.64
C LEU B 244 2.33 21.49 -16.69
N VAL B 245 3.10 22.54 -16.95
CA VAL B 245 4.57 22.49 -16.91
C VAL B 245 5.06 21.87 -15.59
N GLU B 246 4.57 22.39 -14.47
CA GLU B 246 4.89 21.87 -13.13
C GLU B 246 4.52 20.41 -12.99
N ILE B 247 3.35 20.01 -13.51
CA ILE B 247 2.93 18.61 -13.51
C ILE B 247 3.87 17.76 -14.37
N ILE B 248 4.22 18.26 -15.54
CA ILE B 248 5.14 17.56 -16.45
C ILE B 248 6.55 17.37 -15.82
N LYS B 249 7.04 18.35 -15.08
CA LYS B 249 8.31 18.18 -14.36
C LYS B 249 8.32 16.97 -13.42
N VAL B 250 7.14 16.48 -13.02
CA VAL B 250 7.04 15.32 -12.14
C VAL B 250 6.54 14.07 -12.87
N LEU B 251 5.41 14.20 -13.58
CA LEU B 251 4.80 13.04 -14.27
C LEU B 251 5.38 12.73 -15.64
N GLY B 252 6.13 13.68 -16.21
CA GLY B 252 6.52 13.62 -17.62
C GLY B 252 5.31 13.97 -18.48
N THR B 253 5.45 13.84 -19.81
CA THR B 253 4.32 14.05 -20.68
C THR B 253 3.41 12.85 -20.60
N PRO B 254 2.10 13.05 -20.85
CA PRO B 254 1.21 11.91 -20.91
C PRO B 254 1.33 11.15 -22.23
N THR B 255 0.89 9.89 -22.21
CA THR B 255 0.80 9.08 -23.40
C THR B 255 -0.49 9.43 -24.13
N ARG B 256 -0.57 9.01 -25.39
CA ARG B 256 -1.75 9.23 -26.22
C ARG B 256 -2.99 8.61 -25.55
N GLU B 257 -2.79 7.48 -24.88
CA GLU B 257 -3.87 6.81 -24.18
C GLU B 257 -4.34 7.63 -22.96
N GLN B 258 -3.39 8.21 -22.22
CA GLN B 258 -3.73 9.01 -21.05
C GLN B 258 -4.45 10.30 -21.45
N ILE B 259 -4.02 10.90 -22.56
CA ILE B 259 -4.66 12.09 -23.09
C ILE B 259 -6.13 11.81 -23.38
N ARG B 260 -6.38 10.62 -23.93
CA ARG B 260 -7.73 10.25 -24.35
C ARG B 260 -8.60 10.04 -23.12
N GLU B 261 -7.98 9.56 -22.05
CA GLU B 261 -8.65 9.31 -20.78
C GLU B 261 -9.00 10.63 -20.06
N MET B 262 -8.13 11.63 -20.19
CA MET B 262 -8.32 12.95 -19.62
C MET B 262 -9.37 13.78 -20.37
N ASN B 263 -9.25 13.85 -21.70
CA ASN B 263 -10.19 14.58 -22.55
C ASN B 263 -10.22 13.97 -23.97
N PRO B 264 -11.25 13.16 -24.27
CA PRO B 264 -11.29 12.56 -25.61
C PRO B 264 -11.57 13.56 -26.75
N ASN B 265 -11.98 14.79 -26.41
CA ASN B 265 -12.14 15.84 -27.43
C ASN B 265 -10.87 16.66 -27.66
N TYR B 266 -9.76 16.20 -27.09
CA TYR B 266 -8.46 16.83 -27.33
C TYR B 266 -7.54 15.83 -27.99
N THR B 267 -6.91 16.25 -29.07
CA THR B 267 -5.84 15.47 -29.69
C THR B 267 -4.61 16.35 -29.95
N GLU B 268 -3.44 15.77 -29.71
CA GLU B 268 -2.20 16.37 -30.12
C GLU B 268 -1.35 15.27 -30.76
N PHE B 269 -1.25 15.32 -32.09
N PHE B 269 -1.33 15.28 -32.09
CA PHE B 269 -0.55 14.29 -32.87
CA PHE B 269 -0.52 14.38 -32.92
C PHE B 269 0.92 14.09 -32.46
C PHE B 269 0.88 14.13 -32.38
N LYS B 270 1.71 15.16 -32.46
CA LYS B 270 3.10 15.09 -32.06
C LYS B 270 3.46 16.12 -31.00
N PHE B 271 4.29 15.69 -30.05
CA PHE B 271 4.84 16.54 -29.02
C PHE B 271 6.10 15.83 -28.55
N PRO B 272 7.08 16.58 -28.04
CA PRO B 272 8.31 16.00 -27.53
C PRO B 272 8.13 15.36 -26.14
N GLN B 273 8.65 14.14 -26.00
CA GLN B 273 8.50 13.37 -24.77
C GLN B 273 9.45 13.80 -23.68
N ILE B 274 8.89 14.06 -22.50
CA ILE B 274 9.68 14.16 -21.28
C ILE B 274 9.33 12.94 -20.44
N LYS B 275 10.32 12.39 -19.74
N LYS B 275 10.31 12.40 -19.72
CA LYS B 275 10.10 11.26 -18.84
CA LYS B 275 10.09 11.24 -18.88
C LYS B 275 9.71 11.73 -17.45
C LYS B 275 9.81 11.66 -17.43
N ALA B 276 9.00 10.85 -16.73
CA ALA B 276 8.62 11.12 -15.33
C ALA B 276 9.85 11.27 -14.44
N HIS B 277 9.75 12.10 -13.42
CA HIS B 277 10.80 12.24 -12.41
C HIS B 277 10.49 11.18 -11.35
N PRO B 278 11.51 10.41 -10.90
CA PRO B 278 11.20 9.31 -9.94
C PRO B 278 10.56 9.84 -8.66
N TRP B 279 9.47 9.21 -8.25
CA TRP B 279 8.73 9.62 -7.05
C TRP B 279 9.60 9.71 -5.82
N THR B 280 10.56 8.80 -5.68
CA THR B 280 11.43 8.81 -4.49
C THR B 280 12.41 9.98 -4.41
N LYS B 281 12.56 10.69 -5.54
CA LYS B 281 13.40 11.88 -5.61
C LYS B 281 12.58 13.16 -5.47
N VAL B 282 11.27 13.06 -5.67
CA VAL B 282 10.39 14.22 -5.52
C VAL B 282 10.34 14.62 -4.04
N PHE B 283 10.29 13.62 -3.17
CA PHE B 283 10.22 13.88 -1.74
C PHE B 283 11.60 13.76 -1.13
N ARG B 284 11.77 14.35 0.04
CA ARG B 284 13.02 14.27 0.80
C ARG B 284 13.25 12.82 1.27
N PRO B 285 14.53 12.42 1.50
CA PRO B 285 14.88 11.04 1.89
C PRO B 285 14.12 10.46 3.09
N ARG B 286 13.87 11.26 4.14
CA ARG B 286 13.15 10.78 5.33
C ARG B 286 11.62 10.65 5.18
N THR B 287 11.10 10.81 3.97
CA THR B 287 9.65 10.71 3.75
C THR B 287 9.25 9.22 3.85
N PRO B 288 8.23 8.90 4.68
CA PRO B 288 7.86 7.48 4.79
C PRO B 288 7.48 6.90 3.42
N PRO B 289 8.08 5.75 3.06
CA PRO B 289 7.81 5.17 1.73
C PRO B 289 6.33 4.81 1.48
N GLU B 290 5.57 4.51 2.53
CA GLU B 290 4.12 4.27 2.36
C GLU B 290 3.38 5.53 1.93
N ALA B 291 3.87 6.69 2.36
CA ALA B 291 3.32 7.99 1.96
C ALA B 291 3.57 8.29 0.49
N ILE B 292 4.79 7.99 0.04
CA ILE B 292 5.14 8.15 -1.37
C ILE B 292 4.29 7.21 -2.21
N ALA B 293 4.19 5.96 -1.76
CA ALA B 293 3.41 4.94 -2.47
C ALA B 293 1.97 5.42 -2.65
N LEU B 294 1.35 5.91 -1.58
CA LEU B 294 -0.02 6.43 -1.66
C LEU B 294 -0.12 7.56 -2.68
N CYS B 295 0.81 8.51 -2.60
CA CYS B 295 0.88 9.66 -3.48
C CYS B 295 0.90 9.30 -4.95
N SER B 296 1.71 8.30 -5.29
CA SER B 296 1.85 7.84 -6.68
C SER B 296 0.56 7.21 -7.23
N ARG B 297 -0.37 6.86 -6.32
CA ARG B 297 -1.63 6.22 -6.72
C ARG B 297 -2.74 7.26 -6.80
N LEU B 298 -2.44 8.47 -6.36
CA LEU B 298 -3.37 9.58 -6.42
C LEU B 298 -3.05 10.53 -7.60
N LEU B 299 -1.78 10.89 -7.73
CA LEU B 299 -1.33 11.79 -8.78
C LEU B 299 -1.00 11.02 -10.08
N GLU B 300 -2.07 10.55 -10.73
CA GLU B 300 -2.03 9.88 -12.02
C GLU B 300 -2.78 10.67 -13.10
N TYR B 301 -2.21 10.73 -14.30
CA TYR B 301 -2.90 11.31 -15.45
C TYR B 301 -4.28 10.68 -15.70
N THR B 302 -4.32 9.36 -15.72
CA THR B 302 -5.53 8.61 -16.06
C THR B 302 -6.52 8.67 -14.90
N PRO B 303 -7.61 9.45 -15.06
CA PRO B 303 -8.58 9.68 -13.97
C PRO B 303 -9.12 8.40 -13.33
N THR B 304 -9.41 7.38 -14.13
CA THR B 304 -9.91 6.10 -13.60
C THR B 304 -8.83 5.28 -12.89
N ALA B 305 -7.54 5.62 -13.11
CA ALA B 305 -6.44 4.89 -12.46
C ALA B 305 -6.17 5.34 -11.01
N ARG B 306 -6.71 6.50 -10.63
CA ARG B 306 -6.60 6.99 -9.25
C ARG B 306 -7.44 6.15 -8.29
N LEU B 307 -6.93 5.97 -7.08
CA LEU B 307 -7.68 5.32 -6.01
C LEU B 307 -9.03 6.02 -5.77
N THR B 308 -10.04 5.25 -5.37
CA THR B 308 -11.25 5.82 -4.82
C THR B 308 -10.95 6.26 -3.40
N PRO B 309 -11.69 7.26 -2.88
CA PRO B 309 -11.52 7.66 -1.48
C PRO B 309 -11.54 6.52 -0.46
N LEU B 310 -12.42 5.54 -0.62
CA LEU B 310 -12.46 4.40 0.30
C LEU B 310 -11.23 3.49 0.16
N GLU B 311 -10.79 3.25 -1.08
CA GLU B 311 -9.53 2.53 -1.30
C GLU B 311 -8.36 3.26 -0.64
N ALA B 312 -8.39 4.59 -0.72
CA ALA B 312 -7.36 5.42 -0.11
C ALA B 312 -7.36 5.24 1.41
N CYS B 313 -8.54 5.21 2.03
CA CYS B 313 -8.65 4.97 3.47
C CYS B 313 -8.06 3.63 3.90
N ALA B 314 -8.10 2.65 2.99
CA ALA B 314 -7.68 1.28 3.28
C ALA B 314 -6.20 1.00 2.98
N HIS B 315 -5.50 2.02 2.47
CA HIS B 315 -4.09 1.97 2.12
C HIS B 315 -3.23 1.75 3.36
N SER B 316 -2.12 1.06 3.19
CA SER B 316 -1.25 0.71 4.30
C SER B 316 -0.68 1.94 5.03
N PHE B 317 -0.57 3.07 4.33
CA PHE B 317 -0.12 4.32 4.96
C PHE B 317 -0.92 4.66 6.19
N PHE B 318 -2.19 4.26 6.19
CA PHE B 318 -3.08 4.54 7.33
C PHE B 318 -3.15 3.46 8.41
N ASP B 319 -2.31 2.43 8.32
CA ASP B 319 -2.34 1.32 9.29
C ASP B 319 -2.12 1.76 10.74
N GLU B 320 -1.17 2.66 10.99
CA GLU B 320 -0.98 3.19 12.34
C GLU B 320 -2.27 3.67 13.02
N LEU B 321 -3.18 4.26 12.24
CA LEU B 321 -4.46 4.73 12.79
C LEU B 321 -5.37 3.57 13.26
N ARG B 322 -5.16 2.38 12.69
CA ARG B 322 -5.97 1.19 13.01
C ARG B 322 -5.42 0.38 14.18
N ASP B 323 -4.26 0.80 14.68
CA ASP B 323 -3.61 0.19 15.84
C ASP B 323 -4.36 0.64 17.10
N PRO B 324 -4.81 -0.32 17.93
CA PRO B 324 -5.56 0.03 19.16
C PRO B 324 -4.80 1.01 20.10
N ASN B 325 -3.48 1.05 19.99
CA ASN B 325 -2.64 1.84 20.90
C ASN B 325 -2.31 3.28 20.49
N VAL B 326 -2.80 3.72 19.33
CA VAL B 326 -2.36 5.00 18.79
C VAL B 326 -2.78 6.19 19.67
N LYS B 327 -1.89 7.16 19.78
CA LYS B 327 -2.18 8.40 20.51
C LYS B 327 -1.76 9.61 19.69
N LEU B 328 -2.52 10.70 19.86
CA LEU B 328 -2.09 12.00 19.38
C LEU B 328 -0.85 12.45 20.15
N PRO B 329 0.05 13.22 19.49
CA PRO B 329 1.21 13.81 20.18
C PRO B 329 0.83 14.65 21.40
N ASN B 330 -0.39 15.15 21.44
CA ASN B 330 -0.89 15.94 22.57
C ASN B 330 -1.42 15.08 23.72
N GLY B 331 -1.33 13.76 23.56
CA GLY B 331 -1.73 12.83 24.61
C GLY B 331 -3.13 12.27 24.48
N ARG B 332 -3.98 12.96 23.71
CA ARG B 332 -5.37 12.55 23.49
C ARG B 332 -5.49 11.34 22.59
N ASP B 333 -6.62 10.67 22.73
CA ASP B 333 -7.03 9.62 21.81
C ASP B 333 -7.32 10.19 20.41
N THR B 334 -7.28 9.33 19.40
CA THR B 334 -7.69 9.72 18.06
C THR B 334 -9.18 10.03 18.07
N PRO B 335 -9.63 10.92 17.17
CA PRO B 335 -11.07 11.12 16.96
C PRO B 335 -11.74 9.85 16.42
N ALA B 336 -13.05 9.91 16.21
CA ALA B 336 -13.81 8.78 15.67
C ALA B 336 -13.34 8.50 14.25
N LEU B 337 -12.87 7.28 14.01
CA LEU B 337 -12.26 6.95 12.73
C LEU B 337 -12.91 5.80 12.00
N PHE B 338 -13.60 4.94 12.76
CA PHE B 338 -14.10 3.68 12.23
C PHE B 338 -15.63 3.54 12.28
N ASN B 339 -16.33 4.60 12.68
CA ASN B 339 -17.79 4.53 12.78
C ASN B 339 -18.45 4.66 11.41
N PHE B 340 -18.14 3.73 10.53
CA PHE B 340 -18.65 3.78 9.16
C PHE B 340 -20.11 3.34 9.11
N THR B 341 -20.93 4.15 8.45
CA THR B 341 -22.29 3.75 8.10
C THR B 341 -22.29 2.99 6.78
N THR B 342 -23.41 2.34 6.50
CA THR B 342 -23.59 1.56 5.26
C THR B 342 -23.64 2.47 4.03
N GLN B 343 -24.16 3.68 4.21
CA GLN B 343 -24.07 4.71 3.18
C GLN B 343 -22.62 4.93 2.76
N GLU B 344 -21.75 5.13 3.76
CA GLU B 344 -20.30 5.36 3.56
C GLU B 344 -19.62 4.21 2.83
N LEU B 345 -20.03 2.98 3.14
CA LEU B 345 -19.43 1.80 2.53
C LEU B 345 -20.13 1.33 1.25
N SER B 346 -21.04 2.16 0.75
CA SER B 346 -21.90 1.77 -0.37
C SER B 346 -21.11 1.34 -1.59
N SER B 347 -20.11 2.15 -1.97
CA SER B 347 -19.34 1.88 -3.19
C SER B 347 -18.45 0.62 -3.14
N ASN B 348 -18.23 0.05 -1.96
CA ASN B 348 -17.25 -1.05 -1.79
C ASN B 348 -17.27 -1.71 -0.40
N PRO B 349 -18.32 -2.52 -0.10
CA PRO B 349 -18.42 -3.26 1.18
C PRO B 349 -17.23 -4.17 1.58
N PRO B 350 -16.63 -4.93 0.64
CA PRO B 350 -15.48 -5.78 1.03
C PRO B 350 -14.36 -5.05 1.79
N LEU B 351 -14.29 -3.73 1.65
CA LEU B 351 -13.25 -2.94 2.30
C LEU B 351 -13.43 -2.81 3.82
N ALA B 352 -14.64 -3.09 4.32
CA ALA B 352 -14.91 -3.07 5.77
C ALA B 352 -13.93 -3.93 6.58
N THR B 353 -13.44 -5.00 5.95
CA THR B 353 -12.45 -5.88 6.57
C THR B 353 -11.17 -5.14 6.97
N ILE B 354 -10.64 -4.31 6.08
CA ILE B 354 -9.52 -3.44 6.42
C ILE B 354 -10.00 -2.26 7.28
N LEU B 355 -11.06 -1.59 6.82
CA LEU B 355 -11.46 -0.30 7.36
C LEU B 355 -11.92 -0.30 8.82
N ILE B 356 -12.58 -1.38 9.25
CA ILE B 356 -13.02 -1.50 10.64
C ILE B 356 -12.16 -2.55 11.34
N PRO B 357 -11.20 -2.11 12.16
CA PRO B 357 -10.26 -3.02 12.82
C PRO B 357 -10.94 -3.85 13.91
N PRO B 358 -10.41 -5.06 14.20
CA PRO B 358 -11.00 -5.98 15.18
C PRO B 358 -11.48 -5.28 16.43
N HIS B 359 -10.59 -4.52 17.08
CA HIS B 359 -10.87 -3.88 18.36
C HIS B 359 -12.00 -2.85 18.35
N ALA B 360 -12.51 -2.51 17.17
CA ALA B 360 -13.53 -1.47 17.05
C ALA B 360 -14.93 -2.02 16.73
N ARG B 361 -15.01 -3.33 16.46
CA ARG B 361 -16.29 -3.99 16.16
C ARG B 361 -17.11 -4.23 17.44
N ILE B 362 -16.80 -5.33 18.14
N PRO C 5 32.56 -16.66 11.86
CA PRO C 5 31.47 -16.37 12.79
C PRO C 5 30.45 -17.49 12.94
N HIS C 6 30.87 -18.54 13.64
CA HIS C 6 30.04 -19.69 13.97
C HIS C 6 30.29 -19.92 15.46
N ARG C 7 31.57 -20.12 15.80
CA ARG C 7 32.05 -20.10 17.18
C ARG C 7 32.15 -18.65 17.63
N LEU C 8 32.57 -17.77 16.71
CA LEU C 8 32.57 -16.33 16.96
C LEU C 8 31.17 -15.79 17.28
N LEU C 9 30.20 -16.12 16.43
CA LEU C 9 28.81 -15.69 16.66
C LEU C 9 28.26 -16.23 17.98
N GLN C 10 28.56 -17.49 18.28
CA GLN C 10 28.19 -18.13 19.54
C GLN C 10 28.75 -17.35 20.75
N GLN C 11 30.05 -17.06 20.73
CA GLN C 11 30.68 -16.27 21.78
C GLN C 11 30.00 -14.94 21.96
N LEU C 12 29.67 -14.31 20.84
CA LEU C 12 29.13 -12.97 20.81
C LEU C 12 27.73 -12.94 21.42
N VAL C 13 26.94 -13.96 21.12
CA VAL C 13 25.60 -14.10 21.65
C VAL C 13 25.67 -14.44 23.15
N LEU C 14 26.62 -15.30 23.53
CA LEU C 14 26.73 -15.73 24.92
C LEU C 14 27.30 -14.64 25.81
N SER C 15 28.18 -13.81 25.23
CA SER C 15 28.87 -12.77 26.00
C SER C 15 28.09 -11.46 26.07
N GLY C 16 27.03 -11.35 25.25
CA GLY C 16 26.23 -10.12 25.17
C GLY C 16 26.94 -9.00 24.42
N ASN C 17 27.69 -9.35 23.37
CA ASN C 17 28.49 -8.36 22.66
C ASN C 17 28.23 -8.23 21.15
N LEU C 18 27.17 -8.89 20.70
CA LEU C 18 26.85 -8.97 19.28
C LEU C 18 26.72 -7.60 18.61
N ILE C 19 25.84 -6.75 19.11
CA ILE C 19 25.56 -5.46 18.46
C ILE C 19 26.78 -4.53 18.51
N LYS C 20 27.41 -4.49 19.67
CA LYS C 20 28.68 -3.82 19.90
C LYS C 20 29.74 -4.23 18.86
N GLU C 21 29.92 -5.52 18.67
CA GLU C 21 30.87 -6.03 17.68
C GLU C 21 30.43 -5.78 16.23
N ALA C 22 29.16 -6.01 15.92
CA ALA C 22 28.65 -5.68 14.57
C ALA C 22 28.85 -4.19 14.27
N VAL C 23 28.50 -3.32 15.22
CA VAL C 23 28.66 -1.89 15.04
C VAL C 23 30.11 -1.52 14.76
N ARG C 24 31.03 -2.05 15.55
CA ARG C 24 32.46 -1.88 15.28
C ARG C 24 32.87 -2.27 13.86
N ARG C 25 32.42 -3.43 13.39
CA ARG C 25 32.74 -3.91 12.04
C ARG C 25 32.11 -3.05 10.93
N LEU C 26 31.14 -2.23 11.29
CA LEU C 26 30.49 -1.35 10.33
C LEU C 26 31.48 -0.33 9.76
N HIS C 27 32.43 0.09 10.59
N HIS C 27 32.43 0.10 10.60
CA HIS C 27 33.47 1.04 10.19
CA HIS C 27 33.29 1.23 10.30
C HIS C 27 34.84 0.64 10.76
C HIS C 27 34.78 0.92 10.53
N ARG D 7 -7.57 32.69 -21.37
CA ARG D 7 -7.41 33.12 -22.78
C ARG D 7 -6.39 32.25 -23.54
N LEU D 8 -5.16 32.21 -23.04
CA LEU D 8 -4.05 31.50 -23.70
C LEU D 8 -4.15 29.97 -23.58
N LEU D 9 -4.43 29.48 -22.37
CA LEU D 9 -4.68 28.06 -22.16
C LEU D 9 -5.78 27.59 -23.08
N GLN D 10 -6.84 28.40 -23.14
CA GLN D 10 -8.04 28.09 -23.91
C GLN D 10 -7.71 27.89 -25.39
N GLN D 11 -6.93 28.81 -25.93
CA GLN D 11 -6.49 28.75 -27.31
C GLN D 11 -5.60 27.51 -27.60
N LEU D 12 -4.70 27.19 -26.69
CA LEU D 12 -3.81 26.02 -26.86
C LEU D 12 -4.56 24.71 -26.80
N VAL D 13 -5.58 24.67 -25.95
CA VAL D 13 -6.47 23.52 -25.87
C VAL D 13 -7.15 23.34 -27.21
N LEU D 14 -7.83 24.39 -27.68
CA LEU D 14 -8.61 24.31 -28.92
C LEU D 14 -7.75 24.04 -30.14
N SER D 15 -6.54 24.60 -30.16
CA SER D 15 -5.66 24.43 -31.31
C SER D 15 -4.87 23.14 -31.24
N GLY D 16 -4.94 22.46 -30.10
CA GLY D 16 -4.16 21.24 -29.89
C GLY D 16 -2.65 21.46 -29.80
N ASN D 17 -2.23 22.55 -29.17
CA ASN D 17 -0.80 22.85 -29.00
C ASN D 17 -0.33 22.90 -27.54
N LEU D 18 -1.17 22.44 -26.61
CA LEU D 18 -0.88 22.61 -25.20
C LEU D 18 0.43 21.96 -24.77
N ILE D 19 0.56 20.66 -25.06
CA ILE D 19 1.71 19.89 -24.60
C ILE D 19 3.00 20.48 -25.18
N LYS D 20 3.01 20.66 -26.50
CA LYS D 20 4.12 21.32 -27.22
C LYS D 20 4.60 22.60 -26.53
N GLU D 21 3.66 23.49 -26.23
CA GLU D 21 3.96 24.77 -25.62
C GLU D 21 4.49 24.63 -24.19
N ALA D 22 4.00 23.60 -23.48
CA ALA D 22 4.40 23.37 -22.09
C ALA D 22 5.84 22.86 -22.01
N VAL D 23 6.19 21.92 -22.88
CA VAL D 23 7.56 21.41 -22.96
C VAL D 23 8.57 22.52 -23.26
N ARG D 24 8.20 23.40 -24.19
CA ARG D 24 9.02 24.52 -24.60
C ARG D 24 9.30 25.45 -23.42
N ARG D 25 8.27 25.70 -22.61
CA ARG D 25 8.37 26.58 -21.44
C ARG D 25 9.25 25.97 -20.35
N LEU D 26 9.28 24.65 -20.31
CA LEU D 26 10.06 23.92 -19.32
C LEU D 26 11.56 23.93 -19.66
N HIS D 27 11.88 24.03 -20.95
CA HIS D 27 13.28 24.02 -21.41
C HIS D 27 13.86 25.43 -21.64
N SER D 28 13.20 26.46 -21.10
CA SER D 28 13.62 27.86 -21.30
C SER D 28 14.91 28.22 -20.56
N ARG D 29 15.20 27.50 -19.48
S SO4 E . 14.91 -28.57 14.79
O1 SO4 E . 13.94 -29.55 15.27
O2 SO4 E . 15.15 -28.82 13.38
O3 SO4 E . 16.19 -28.66 15.49
O4 SO4 E . 14.33 -27.25 15.03
S SO4 F . 9.30 -33.59 14.50
O1 SO4 F . 10.70 -33.99 14.62
O2 SO4 F . 8.68 -34.31 13.38
O3 SO4 F . 8.60 -33.93 15.74
O4 SO4 F . 9.19 -32.15 14.26
S SO4 G . 0.96 -24.71 18.78
O1 SO4 G . 2.10 -23.79 18.80
O2 SO4 G . 1.09 -25.69 17.71
O3 SO4 G . 0.89 -25.41 20.06
O4 SO4 G . -0.28 -23.95 18.58
C1 GOL H . 9.57 -2.54 -16.01
O1 GOL H . 8.16 -2.55 -15.96
C2 GOL H . 10.03 -3.45 -17.13
O2 GOL H . 11.39 -3.20 -17.43
C3 GOL H . 9.18 -3.29 -18.40
O3 GOL H . 9.57 -4.28 -19.34
C3 ZRL I . 17.75 -29.86 -3.78
C2 ZRL I . 17.69 -29.74 -5.10
C11 ZRL I . 16.41 -29.83 -5.63
C7 ZRL I . 15.27 -30.04 -4.90
C5 ZRL I . 15.34 -30.16 -3.49
O6 ZRL I . 14.33 -30.34 -2.82
C9 ZRL I . 14.39 -29.92 -7.06
C12 ZRL I . 13.47 -29.87 -8.17
C13 ZRL I . 12.14 -30.14 -7.97
C14 ZRL I . 11.28 -30.07 -9.06
C8 ZRL I . 14.11 -30.08 -5.72
N15 ZRL I . 11.65 -29.75 -10.30
C16 ZRL I . 12.96 -29.49 -10.46
N4 ZRL I . 16.64 -30.06 -3.00
C17 ZRL I . 13.89 -29.52 -9.44
S10 ZRL I . 16.09 -29.72 -7.31
BR1 ZRL I . 19.14 -29.46 -6.25
S SO4 J . -21.01 23.98 -13.92
O1 SO4 J . -20.70 24.43 -12.58
O2 SO4 J . -20.25 22.77 -14.24
O3 SO4 J . -20.66 25.05 -14.84
O4 SO4 J . -22.43 23.63 -13.98
S SO4 K . -27.87 22.78 -11.23
O1 SO4 K . -27.17 21.61 -10.70
O2 SO4 K . -29.25 22.43 -11.58
O3 SO4 K . -27.90 23.85 -10.24
O4 SO4 K . -27.19 23.24 -12.44
S SO4 L . 0.33 5.32 -30.22
O1 SO4 L . 1.36 6.29 -29.84
O2 SO4 L . 0.72 3.99 -29.75
O3 SO4 L . -0.96 5.69 -29.61
O4 SO4 L . 0.19 5.32 -31.67
C1 GOL M . 5.80 11.97 14.52
O1 GOL M . 5.21 10.90 13.81
C2 GOL M . 7.20 12.36 14.01
O2 GOL M . 7.27 12.30 12.60
C3 GOL M . 7.59 13.77 14.44
O3 GOL M . 7.31 14.01 15.82
C1 GOL N . -8.95 31.86 4.20
O1 GOL N . -8.83 32.16 2.83
C2 GOL N . -9.08 30.34 4.40
O2 GOL N . -7.87 29.82 4.94
C3 GOL N . -10.26 30.06 5.33
O3 GOL N . -10.70 28.72 5.18
C3 ZRL O . -14.97 31.18 2.61
C2 ZRL O . -14.48 31.35 3.83
C11 ZRL O . -14.97 30.48 4.80
C7 ZRL O . -15.91 29.51 4.57
C5 ZRL O . -16.43 29.33 3.25
O6 ZRL O . -17.27 28.48 2.99
C9 ZRL O . -15.54 29.20 6.86
C12 ZRL O . -15.60 28.68 8.20
C13 ZRL O . -16.54 27.72 8.54
C14 ZRL O . -16.57 27.24 9.83
C8 ZRL O . -16.22 28.77 5.74
N15 ZRL O . -15.76 27.63 10.82
C16 ZRL O . -14.87 28.56 10.45
N4 ZRL O . -15.90 30.21 2.32
C17 ZRL O . -14.74 29.10 9.19
S10 ZRL O . -14.50 30.51 6.45
BR1 ZRL O . -13.20 32.66 4.27
#